data_3N8F
#
_entry.id   3N8F
#
_cell.length_a   58.522
_cell.length_b   72.537
_cell.length_c   83.983
_cell.angle_alpha   85.30
_cell.angle_beta   84.06
_cell.angle_gamma   75.68
#
_symmetry.space_group_name_H-M   'P 1'
#
loop_
_entity.id
_entity.type
_entity.pdbx_description
1 polymer Lactoperoxidase
2 branched 2-acetamido-2-deoxy-beta-D-glucopyranose-(1-4)-2-acetamido-2-deoxy-beta-D-glucopyranose
3 branched beta-D-mannopyranose-(1-4)-2-acetamido-2-deoxy-beta-D-glucopyranose-(1-4)-2-acetamido-2-deoxy-beta-D-glucopyranose
4 non-polymer 'NITRATE ION'
5 non-polymer 'CALCIUM ION'
6 non-polymer 'THIOCYANATE ION'
7 non-polymer 'PROTOPORPHYRIN IX CONTAINING FE'
8 water water
#
_entity_poly.entity_id   1
_entity_poly.type   'polypeptide(L)'
_entity_poly.pdbx_seq_one_letter_code
;SWEVGCGAPVPLVTCDEQSPYRTITGDCNNRRSPALGAANRALARWLPAEYEDGLAVPFGWTQRKTRNGFRVPLAREVSN
KIVGYLDEEGVLDQNRSLLFMQWGQIVDHDLDFAPETELGSSEHSKVQCEEYCVQGDECFPIMFPKNDPKLKTQGKCMPF
FRAGFVCPTPPYQSLARDQINAVTSFLDASLVYGSEP(SEP)LASRLRNLSSPLGLMAVNQEAWDHGLAYPPFNNVKPSP
CEFINTTAHVPCFQAGDSRASEQILLATVHTLLLREHNRLARELKRLNPHWDGEMLYQEARKILGAFIQIITFRDYLPIV
LGSEMQKWIPPYQGYNNSVDPRISNVFTFAFRFGHMEVPSTVSRLDENYQPWGPEAELPLHTLFFNTWRIIKDGGIDPLV
RGLLAKNSKLMNQNKMVTSELRNKLFQPTHKVHGFDLAAINLQRCRDHGMPGYNSWRGFCGLSQPKTLKGLQAVLKNKVL
AKKLLDLYKTPDNIDIWIGGNAEPMVERGRVGPLLACLLGRQFQQIRDGDRFWWENPGVFTEKQRDSLQKVSFSRLICDN
THITKVPLHAFQANNYPHDFVDCSAVDKLDLSPWASREN
;
_entity_poly.pdbx_strand_id   A,B
#
# COMPACT_ATOMS: atom_id res chain seq x y z
N SER A 1 -13.42 -31.87 -21.04
CA SER A 1 -12.61 -31.44 -19.87
C SER A 1 -11.69 -30.26 -20.20
N TRP A 2 -11.41 -30.08 -21.49
CA TRP A 2 -10.49 -29.04 -21.97
C TRP A 2 -11.28 -27.78 -22.32
N GLU A 3 -10.63 -26.61 -22.18
CA GLU A 3 -11.33 -25.32 -22.28
C GLU A 3 -10.82 -24.16 -23.20
N VAL A 4 -9.76 -24.34 -24.01
CA VAL A 4 -9.01 -25.58 -24.24
C VAL A 4 -7.49 -25.36 -24.01
N GLY A 5 -7.18 -24.97 -22.77
CA GLY A 5 -5.84 -24.58 -22.35
C GLY A 5 -5.61 -23.07 -22.37
N CYS A 6 -6.52 -22.32 -23.01
CA CYS A 6 -6.51 -20.86 -22.99
C CYS A 6 -5.20 -20.19 -23.42
N GLY A 7 -4.83 -19.12 -22.74
CA GLY A 7 -3.55 -18.48 -22.98
C GLY A 7 -3.25 -17.32 -23.95
N ALA A 8 -2.71 -16.22 -23.42
CA ALA A 8 -2.22 -15.13 -24.25
C ALA A 8 -0.73 -14.93 -23.98
N PRO A 9 0.10 -15.07 -25.01
CA PRO A 9 1.54 -14.96 -24.87
C PRO A 9 2.11 -13.98 -25.82
N VAL A 10 3.07 -14.47 -26.59
CA VAL A 10 3.70 -13.66 -27.61
C VAL A 10 2.69 -13.91 -28.63
N PRO A 11 1.93 -12.89 -28.87
CA PRO A 11 0.75 -13.03 -29.73
C PRO A 11 1.02 -13.59 -31.13
N LEU A 12 2.19 -13.27 -31.72
CA LEU A 12 2.45 -13.66 -33.10
C LEU A 12 3.82 -14.31 -33.35
N VAL A 13 3.84 -15.64 -33.45
CA VAL A 13 5.04 -16.38 -33.87
C VAL A 13 4.69 -17.51 -34.84
N THR A 14 5.10 -17.35 -36.10
CA THR A 14 4.92 -18.40 -37.12
C THR A 14 6.28 -18.87 -37.63
N CYS A 15 6.31 -20.12 -38.07
CA CYS A 15 7.54 -20.88 -38.27
C CYS A 15 8.26 -20.69 -39.60
N ASP A 16 9.55 -21.01 -39.59
CA ASP A 16 10.31 -21.28 -40.80
C ASP A 16 10.50 -22.79 -40.84
N GLU A 17 10.15 -23.39 -41.96
CA GLU A 17 10.20 -24.83 -42.10
C GLU A 17 11.62 -25.37 -42.20
N GLN A 18 12.48 -24.61 -42.88
CA GLN A 18 13.76 -25.13 -43.32
C GLN A 18 15.01 -24.40 -42.79
N SER A 19 14.88 -23.76 -41.62
CA SER A 19 16.02 -23.11 -40.99
C SER A 19 16.52 -23.96 -39.83
N PRO A 20 17.85 -24.06 -39.67
CA PRO A 20 18.44 -24.95 -38.66
C PRO A 20 18.52 -24.39 -37.24
N TYR A 21 17.81 -23.30 -36.96
CA TYR A 21 17.98 -22.61 -35.68
C TYR A 21 16.72 -22.60 -34.81
N ARG A 22 16.90 -22.82 -33.51
CA ARG A 22 15.82 -22.69 -32.52
C ARG A 22 15.31 -21.25 -32.54
N THR A 23 14.04 -21.06 -32.19
CA THR A 23 13.55 -19.70 -31.92
C THR A 23 13.93 -19.34 -30.50
N ILE A 24 13.74 -18.07 -30.12
CA ILE A 24 14.01 -17.62 -28.76
C ILE A 24 12.84 -18.03 -27.86
N THR A 25 11.62 -17.92 -28.37
CA THR A 25 10.41 -18.31 -27.65
C THR A 25 10.32 -19.81 -27.37
N GLY A 26 10.93 -20.61 -28.25
CA GLY A 26 10.88 -22.06 -28.14
C GLY A 26 9.78 -22.66 -28.98
N ASP A 27 9.13 -21.81 -29.76
CA ASP A 27 8.13 -22.24 -30.73
C ASP A 27 8.77 -22.97 -31.92
N CYS A 28 7.96 -23.75 -32.63
CA CYS A 28 8.37 -24.45 -33.84
C CYS A 28 9.44 -25.54 -33.64
N ASN A 29 9.60 -25.99 -32.39
CA ASN A 29 10.47 -27.14 -32.12
C ASN A 29 9.75 -28.37 -32.65
N ASN A 30 8.51 -28.55 -32.20
CA ASN A 30 7.62 -29.56 -32.74
C ASN A 30 6.80 -29.00 -33.89
N ARG A 31 6.81 -29.70 -35.02
CA ARG A 31 6.11 -29.24 -36.23
C ARG A 31 4.60 -29.39 -36.05
N ARG A 32 4.16 -30.58 -35.64
CA ARG A 32 2.76 -30.89 -35.42
C ARG A 32 2.07 -29.89 -34.48
N SER A 33 2.53 -29.82 -33.23
CA SER A 33 1.96 -28.91 -32.23
C SER A 33 2.96 -27.82 -31.81
N PRO A 34 2.99 -26.70 -32.56
CA PRO A 34 4.02 -25.65 -32.51
C PRO A 34 4.24 -24.90 -31.18
N ALA A 35 3.29 -24.97 -30.26
CA ALA A 35 3.45 -24.29 -28.97
C ALA A 35 4.08 -25.19 -27.90
N LEU A 36 4.06 -26.49 -28.13
CA LEU A 36 4.53 -27.40 -27.12
C LEU A 36 5.98 -27.17 -26.90
N GLY A 37 6.31 -26.75 -25.68
CA GLY A 37 7.65 -26.48 -25.22
C GLY A 37 8.04 -25.02 -25.15
N ALA A 38 7.10 -24.17 -25.45
CA ALA A 38 7.33 -22.77 -25.62
C ALA A 38 7.38 -22.05 -24.30
N ALA A 39 7.36 -20.73 -24.30
CA ALA A 39 7.46 -19.91 -23.10
C ALA A 39 6.27 -19.02 -22.83
N ASN A 40 6.08 -18.63 -21.57
CA ASN A 40 4.87 -17.94 -21.07
C ASN A 40 3.58 -18.74 -21.26
N ARG A 41 3.59 -19.98 -20.77
CA ARG A 41 2.45 -20.90 -20.85
C ARG A 41 2.33 -21.79 -19.61
N ALA A 42 1.21 -22.51 -19.52
CA ALA A 42 0.94 -23.36 -18.37
C ALA A 42 2.00 -24.44 -18.18
N LEU A 43 2.38 -24.67 -16.94
CA LEU A 43 3.18 -25.82 -16.56
C LEU A 43 2.33 -27.05 -16.73
N ALA A 44 2.95 -28.18 -17.09
CA ALA A 44 2.20 -29.40 -17.38
C ALA A 44 1.75 -30.10 -16.09
N ARG A 45 0.64 -30.82 -16.19
CA ARG A 45 0.09 -31.56 -15.06
C ARG A 45 0.09 -33.05 -15.32
N TRP A 46 1.02 -33.75 -14.67
CA TRP A 46 1.05 -35.21 -14.68
C TRP A 46 -0.07 -35.77 -13.82
N LEU A 47 -0.55 -34.96 -12.88
CA LEU A 47 -1.62 -35.30 -11.95
C LEU A 47 -2.53 -34.09 -11.68
N PRO A 48 -3.85 -34.33 -11.56
CA PRO A 48 -4.83 -33.27 -11.30
C PRO A 48 -4.49 -32.40 -10.10
N ALA A 49 -4.81 -31.12 -10.22
CA ALA A 49 -4.58 -30.15 -9.15
C ALA A 49 -5.34 -30.53 -7.90
N GLU A 50 -4.84 -30.10 -6.74
CA GLU A 50 -5.49 -30.37 -5.47
C GLU A 50 -5.70 -29.10 -4.67
N TYR A 51 -6.86 -28.47 -4.88
CA TYR A 51 -7.21 -27.23 -4.21
C TYR A 51 -8.32 -27.41 -3.18
N GLU A 52 -8.45 -26.41 -2.30
CA GLU A 52 -9.46 -26.38 -1.26
C GLU A 52 -10.86 -26.23 -1.85
N ASP A 53 -11.13 -25.11 -2.51
CA ASP A 53 -12.42 -24.86 -3.13
C ASP A 53 -12.59 -25.68 -4.41
N GLY A 54 -11.57 -26.43 -4.72
CA GLY A 54 -11.57 -27.32 -5.84
C GLY A 54 -10.94 -26.79 -7.07
N LEU A 55 -10.76 -25.49 -7.18
CA LEU A 55 -10.15 -24.85 -8.36
C LEU A 55 -9.03 -23.85 -8.21
N ALA A 56 -8.96 -23.09 -7.15
CA ALA A 56 -7.93 -22.06 -7.06
C ALA A 56 -7.36 -21.79 -5.70
N VAL A 57 -8.08 -22.17 -4.66
CA VAL A 57 -7.72 -21.81 -3.28
C VAL A 57 -6.78 -22.85 -2.64
N PRO A 58 -5.62 -22.40 -2.14
CA PRO A 58 -4.58 -23.29 -1.60
C PRO A 58 -4.96 -23.87 -0.27
N PHE A 59 -4.62 -25.14 -0.04
CA PHE A 59 -4.94 -25.77 1.24
C PHE A 59 -4.36 -24.99 2.41
N GLY A 60 -5.21 -24.68 3.38
CA GLY A 60 -4.81 -23.84 4.50
C GLY A 60 -5.01 -22.36 4.22
N TRP A 61 -5.99 -22.04 3.39
CA TRP A 61 -6.33 -20.65 3.11
C TRP A 61 -7.38 -20.14 4.09
N THR A 62 -8.53 -20.80 4.11
CA THR A 62 -9.55 -20.54 5.14
C THR A 62 -9.18 -21.31 6.41
N GLN A 63 -9.73 -20.89 7.55
CA GLN A 63 -9.38 -21.51 8.85
C GLN A 63 -10.11 -22.82 9.10
N ARG A 64 -11.43 -22.79 8.93
CA ARG A 64 -12.32 -23.91 9.28
C ARG A 64 -12.06 -25.21 8.49
N LYS A 65 -11.51 -25.07 7.28
CA LYS A 65 -11.41 -26.19 6.34
C LYS A 65 -10.15 -27.03 6.50
N THR A 66 -10.20 -28.26 6.03
CA THR A 66 -9.15 -29.24 6.25
C THR A 66 -8.84 -30.04 5.00
N ARG A 67 -7.57 -30.37 4.80
CA ARG A 67 -7.20 -31.40 3.83
C ARG A 67 -7.29 -32.77 4.50
N ASN A 68 -8.23 -33.58 4.03
CA ASN A 68 -8.42 -34.95 4.52
C ASN A 68 -8.72 -35.06 6.02
N GLY A 69 -9.55 -34.15 6.52
CA GLY A 69 -10.03 -34.19 7.91
C GLY A 69 -9.11 -33.56 8.94
N PHE A 70 -7.99 -33.00 8.50
CA PHE A 70 -7.00 -32.40 9.40
C PHE A 70 -6.54 -31.02 8.94
N ARG A 71 -6.27 -30.16 9.92
CA ARG A 71 -5.72 -28.83 9.67
C ARG A 71 -4.28 -28.95 9.23
N VAL A 72 -3.98 -28.46 8.02
CA VAL A 72 -2.62 -28.47 7.47
C VAL A 72 -1.72 -27.55 8.28
N PRO A 73 -0.48 -27.99 8.55
CA PRO A 73 0.40 -27.22 9.44
C PRO A 73 1.03 -26.02 8.73
N LEU A 74 1.27 -24.95 9.49
CA LEU A 74 1.85 -23.73 8.93
C LEU A 74 3.23 -23.99 8.35
N ALA A 75 3.55 -23.32 7.26
CA ALA A 75 4.80 -23.55 6.54
C ALA A 75 6.04 -23.27 7.38
N ARG A 76 6.02 -22.14 8.08
CA ARG A 76 7.13 -21.71 8.93
C ARG A 76 7.36 -22.63 10.13
N GLU A 77 6.29 -23.27 10.62
CA GLU A 77 6.41 -24.23 11.72
C GLU A 77 7.01 -25.55 11.24
N VAL A 78 6.50 -26.05 10.12
CA VAL A 78 7.07 -27.24 9.48
C VAL A 78 8.57 -26.99 9.34
N SER A 79 8.91 -25.79 8.87
CA SER A 79 10.29 -25.32 8.78
C SER A 79 10.98 -25.34 10.14
N ASN A 80 10.47 -24.54 11.08
CA ASN A 80 11.03 -24.47 12.44
C ASN A 80 11.36 -25.82 13.11
N LYS A 81 10.56 -26.84 12.81
CA LYS A 81 10.60 -28.09 13.56
C LYS A 81 11.28 -29.27 12.87
N ILE A 82 11.36 -29.24 11.54
CA ILE A 82 12.00 -30.32 10.79
C ILE A 82 13.27 -29.87 10.08
N VAL A 83 13.19 -28.74 9.38
CA VAL A 83 14.22 -28.30 8.43
C VAL A 83 15.58 -27.82 9.03
N GLY A 84 15.55 -26.72 9.77
CA GLY A 84 16.77 -26.03 10.22
C GLY A 84 17.66 -26.76 11.22
N TYR A 85 18.85 -26.20 11.43
CA TYR A 85 19.88 -26.77 12.31
C TYR A 85 20.88 -25.70 12.75
N LEU A 86 21.42 -25.85 13.96
CA LEU A 86 22.37 -24.88 14.51
C LEU A 86 23.80 -25.16 14.07
N ASP A 87 24.26 -26.40 14.25
CA ASP A 87 25.66 -26.73 14.05
C ASP A 87 26.02 -27.00 12.57
N GLU A 88 26.83 -26.10 12.00
CA GLU A 88 27.27 -26.23 10.62
C GLU A 88 28.35 -27.31 10.48
N GLU A 89 29.04 -27.60 11.58
CA GLU A 89 30.22 -28.47 11.56
C GLU A 89 29.89 -29.84 10.98
N GLY A 90 30.60 -30.18 9.91
CA GLY A 90 30.55 -31.51 9.31
C GLY A 90 29.32 -31.86 8.53
N VAL A 91 28.90 -30.98 7.62
CA VAL A 91 27.81 -31.30 6.69
C VAL A 91 28.32 -31.47 5.26
N LEU A 92 29.47 -30.86 4.98
CA LEU A 92 30.01 -30.77 3.62
C LEU A 92 30.11 -32.11 2.92
N ASP A 93 29.57 -32.17 1.71
CA ASP A 93 29.60 -33.36 0.86
C ASP A 93 31.04 -33.70 0.49
N GLN A 94 31.47 -34.92 0.77
CA GLN A 94 32.87 -35.32 0.62
C GLN A 94 33.28 -35.73 -0.80
N ASN A 95 32.31 -35.77 -1.72
CA ASN A 95 32.59 -36.14 -3.10
C ASN A 95 31.92 -35.22 -4.14
N ARG A 96 31.55 -34.03 -3.71
CA ARG A 96 30.86 -33.05 -4.57
C ARG A 96 31.36 -31.63 -4.35
N SER A 97 31.79 -30.97 -5.42
CA SER A 97 32.24 -29.59 -5.32
C SER A 97 31.06 -28.61 -5.34
N LEU A 98 31.32 -27.37 -4.92
CA LEU A 98 30.33 -26.28 -5.00
C LEU A 98 29.76 -26.13 -6.39
N LEU A 99 30.56 -26.49 -7.40
CA LEU A 99 30.12 -26.49 -8.78
C LEU A 99 28.96 -27.45 -9.00
N PHE A 100 28.95 -28.55 -8.25
CA PHE A 100 27.84 -29.49 -8.31
C PHE A 100 26.52 -28.81 -7.96
N MET A 101 26.52 -28.07 -6.84
CA MET A 101 25.38 -27.25 -6.47
C MET A 101 25.11 -26.20 -7.55
N GLN A 102 26.16 -25.55 -8.00
CA GLN A 102 25.97 -24.40 -8.85
C GLN A 102 25.47 -24.71 -10.25
N TRP A 103 25.81 -25.86 -10.77
CA TRP A 103 25.34 -26.23 -12.10
C TRP A 103 23.91 -26.74 -12.02
N GLY A 104 23.51 -27.13 -10.82
CA GLY A 104 22.13 -27.53 -10.59
C GLY A 104 21.18 -26.39 -10.85
N GLN A 105 21.58 -25.19 -10.42
CA GLN A 105 20.81 -23.96 -10.58
C GLN A 105 20.78 -23.45 -12.01
N ILE A 106 21.92 -23.54 -12.69
CA ILE A 106 22.02 -23.12 -14.07
C ILE A 106 21.03 -23.90 -14.92
N VAL A 107 21.13 -25.23 -14.87
CA VAL A 107 20.23 -26.11 -15.62
C VAL A 107 18.78 -25.86 -15.28
N ASP A 108 18.48 -25.71 -14.01
CA ASP A 108 17.14 -25.43 -13.55
C ASP A 108 16.60 -24.16 -14.14
N HIS A 109 17.38 -23.10 -14.00
CA HIS A 109 16.99 -21.77 -14.47
C HIS A 109 16.86 -21.73 -15.99
N ASP A 110 17.44 -22.72 -16.66
CA ASP A 110 17.27 -22.90 -18.09
C ASP A 110 15.89 -23.48 -18.42
N LEU A 111 15.30 -24.19 -17.46
CA LEU A 111 14.13 -25.03 -17.73
C LEU A 111 12.78 -24.51 -17.22
N ASP A 112 12.76 -23.81 -16.09
CA ASP A 112 11.49 -23.34 -15.50
C ASP A 112 11.56 -22.03 -14.72
N PHE A 113 10.49 -21.26 -14.81
CA PHE A 113 10.31 -20.07 -13.98
C PHE A 113 8.84 -19.71 -13.99
N ALA A 114 8.24 -19.68 -12.82
CA ALA A 114 6.86 -19.26 -12.69
C ALA A 114 6.86 -17.93 -11.98
N PRO A 115 6.66 -16.85 -12.74
CA PRO A 115 6.81 -15.49 -12.24
C PRO A 115 5.75 -15.14 -11.21
N GLU A 116 6.18 -14.47 -10.16
CA GLU A 116 5.28 -14.08 -9.08
C GLU A 116 4.33 -13.01 -9.55
N THR A 117 3.15 -12.97 -8.95
CA THR A 117 2.12 -12.05 -9.39
C THR A 117 2.32 -10.66 -8.86
N GLU A 118 2.78 -9.78 -9.73
CA GLU A 118 2.70 -8.35 -9.47
C GLU A 118 1.74 -7.76 -10.47
N LEU A 119 0.46 -7.77 -10.08
CA LEU A 119 -0.55 -6.95 -10.70
C LEU A 119 -0.43 -5.65 -9.91
N GLY A 120 0.74 -5.49 -9.29
CA GLY A 120 1.00 -4.38 -8.39
C GLY A 120 2.21 -3.54 -8.74
N SER A 121 1.95 -2.23 -8.87
CA SER A 121 2.95 -1.17 -8.97
C SER A 121 2.25 0.15 -8.67
N SER A 122 2.95 1.06 -7.97
CA SER A 122 2.34 2.27 -7.41
C SER A 122 1.15 1.82 -6.54
N GLU A 123 1.44 0.93 -5.59
CA GLU A 123 0.40 0.05 -5.01
C GLU A 123 0.34 -0.09 -3.48
N HIS A 124 -0.87 -0.41 -3.03
CA HIS A 124 -1.21 -0.68 -1.63
C HIS A 124 -1.33 -2.16 -1.26
N SER A 125 -1.46 -3.03 -2.26
CA SER A 125 -1.56 -4.48 -2.03
C SER A 125 -0.22 -5.08 -1.61
N LYS A 126 0.87 -4.54 -2.17
CA LYS A 126 2.21 -4.85 -1.70
C LYS A 126 2.32 -4.43 -0.24
N VAL A 127 1.71 -3.29 0.06
CA VAL A 127 1.66 -2.69 1.39
C VAL A 127 0.77 -3.47 2.34
N GLN A 128 -0.39 -3.89 1.86
CA GLN A 128 -1.36 -4.65 2.65
C GLN A 128 -0.86 -6.06 3.01
N CYS A 129 0.06 -6.58 2.20
CA CYS A 129 0.71 -7.84 2.53
C CYS A 129 1.89 -7.60 3.47
N GLU A 130 2.74 -6.65 3.13
CA GLU A 130 3.88 -6.31 3.99
C GLU A 130 3.44 -5.85 5.37
N GLU A 131 2.70 -4.74 5.42
CA GLU A 131 2.40 -4.06 6.68
C GLU A 131 1.42 -4.80 7.59
N TYR A 132 0.27 -5.12 7.04
CA TYR A 132 -0.85 -5.57 7.85
C TYR A 132 -1.05 -7.07 7.84
N CYS A 133 -0.24 -7.76 7.08
CA CYS A 133 -0.25 -9.22 7.02
C CYS A 133 -1.67 -9.73 6.84
N VAL A 134 -2.37 -9.13 5.89
CA VAL A 134 -3.77 -9.44 5.67
C VAL A 134 -3.91 -10.31 4.43
N GLN A 135 -4.33 -11.54 4.64
CA GLN A 135 -4.48 -12.54 3.61
C GLN A 135 -5.61 -12.16 2.72
N GLY A 136 -5.49 -12.46 1.44
CA GLY A 136 -6.57 -12.25 0.53
C GLY A 136 -6.07 -11.88 -0.82
N ASP A 137 -6.86 -12.09 -1.83
CA ASP A 137 -6.44 -11.70 -3.13
C ASP A 137 -5.25 -12.49 -3.48
N GLU A 138 -4.17 -11.83 -3.89
CA GLU A 138 -2.92 -12.49 -4.21
C GLU A 138 -1.91 -12.51 -3.08
N CYS A 139 -2.23 -11.85 -2.00
CA CYS A 139 -1.43 -11.95 -0.78
C CYS A 139 -1.87 -13.13 0.07
N PHE A 140 -1.11 -14.20 -0.02
CA PHE A 140 -1.31 -15.40 0.78
C PHE A 140 -0.06 -15.46 1.64
N PRO A 141 -0.11 -14.93 2.88
CA PRO A 141 1.06 -14.74 3.72
C PRO A 141 1.47 -15.90 4.61
N ILE A 142 2.74 -15.90 5.02
CA ILE A 142 3.31 -16.94 5.86
C ILE A 142 3.36 -16.45 7.30
N MET A 143 2.45 -16.95 8.12
CA MET A 143 2.34 -16.56 9.51
C MET A 143 3.46 -17.17 10.33
N PHE A 144 3.76 -16.53 11.47
CA PHE A 144 4.71 -17.08 12.42
C PHE A 144 3.95 -17.84 13.48
N PRO A 145 4.46 -19.02 13.86
CA PRO A 145 3.84 -19.75 14.95
C PRO A 145 4.18 -19.13 16.29
N LYS A 146 3.52 -19.60 17.34
CA LYS A 146 3.82 -19.22 18.71
C LYS A 146 5.29 -19.49 18.98
N ASN A 147 5.93 -18.58 19.69
CA ASN A 147 7.33 -18.75 20.12
C ASN A 147 8.36 -18.88 18.98
N ASP A 148 8.06 -18.27 17.83
CA ASP A 148 9.07 -18.06 16.79
C ASP A 148 9.76 -16.79 17.22
N PRO A 149 11.11 -16.76 17.16
CA PRO A 149 11.84 -15.54 17.49
C PRO A 149 11.82 -14.46 16.41
N LYS A 150 11.18 -14.72 15.28
CA LYS A 150 10.99 -13.69 14.25
C LYS A 150 9.94 -12.72 14.73
N LEU A 151 9.08 -13.20 15.63
CA LEU A 151 7.97 -12.40 16.18
C LEU A 151 8.46 -11.16 16.91
N LYS A 152 9.47 -11.35 17.76
CA LYS A 152 10.03 -10.27 18.52
C LYS A 152 10.74 -9.27 17.61
N THR A 153 11.18 -9.75 16.44
CA THR A 153 12.04 -8.94 15.57
C THR A 153 11.42 -8.39 14.26
N GLN A 154 10.50 -9.14 13.65
CA GLN A 154 9.98 -8.76 12.32
C GLN A 154 8.50 -8.42 12.29
N GLY A 155 7.67 -9.27 12.87
CA GLY A 155 6.23 -9.02 12.86
C GLY A 155 5.38 -10.25 13.05
N LYS A 156 4.28 -10.34 12.30
CA LYS A 156 3.39 -11.50 12.36
C LYS A 156 3.51 -12.44 11.17
N CYS A 157 3.99 -11.92 10.04
CA CYS A 157 4.05 -12.69 8.81
C CYS A 157 5.24 -12.36 7.94
N MET A 158 5.53 -13.26 7.00
CA MET A 158 6.44 -12.99 5.90
C MET A 158 5.58 -12.83 4.67
N PRO A 159 5.51 -11.62 4.12
CA PRO A 159 4.68 -11.43 2.95
C PRO A 159 4.99 -12.51 1.94
N PHE A 160 3.98 -12.97 1.22
CA PHE A 160 4.16 -14.03 0.23
C PHE A 160 3.08 -13.86 -0.83
N PHE A 161 3.49 -13.63 -2.07
CA PHE A 161 2.56 -13.39 -3.16
C PHE A 161 2.39 -14.64 -4.03
N ARG A 162 1.16 -14.88 -4.45
CA ARG A 162 0.84 -16.05 -5.27
C ARG A 162 1.41 -15.97 -6.68
N ALA A 163 1.93 -17.09 -7.16
CA ALA A 163 2.51 -17.16 -8.51
C ALA A 163 1.48 -17.01 -9.61
N GLY A 164 1.94 -16.58 -10.79
CA GLY A 164 1.08 -16.31 -11.92
C GLY A 164 0.29 -17.49 -12.45
N PHE A 165 -0.85 -17.21 -13.05
CA PHE A 165 -1.74 -18.19 -13.64
C PHE A 165 -2.19 -17.77 -15.05
N VAL A 166 -2.72 -18.69 -15.82
CA VAL A 166 -3.00 -18.43 -17.19
C VAL A 166 -4.36 -17.94 -17.62
N CYS A 167 -4.45 -17.72 -18.95
CA CYS A 167 -5.71 -17.31 -19.62
C CYS A 167 -6.23 -15.90 -19.25
N PRO A 168 -5.70 -15.41 -18.14
CA PRO A 168 -5.75 -14.01 -17.80
C PRO A 168 -5.03 -13.75 -16.48
N THR A 169 -4.28 -12.65 -16.41
CA THR A 169 -3.59 -12.32 -15.15
C THR A 169 -4.50 -11.69 -14.07
N PRO A 170 -5.61 -11.08 -14.48
CA PRO A 170 -6.50 -10.50 -13.47
C PRO A 170 -7.27 -11.58 -12.70
N PRO A 171 -7.93 -11.20 -11.58
CA PRO A 171 -8.86 -12.09 -10.87
C PRO A 171 -9.76 -12.87 -11.82
N TYR A 172 -9.84 -14.20 -11.65
CA TYR A 172 -10.74 -15.05 -12.43
C TYR A 172 -11.04 -16.41 -11.78
N GLN A 173 -12.25 -16.92 -12.01
CA GLN A 173 -12.61 -18.26 -11.54
C GLN A 173 -13.12 -19.16 -12.69
N SER A 174 -12.52 -20.34 -12.76
CA SER A 174 -12.87 -21.41 -13.71
C SER A 174 -11.74 -22.45 -13.86
N LEU A 175 -12.06 -23.62 -14.43
CA LEU A 175 -11.10 -24.70 -14.69
C LEU A 175 -10.32 -25.12 -13.45
N ALA A 176 -9.02 -25.36 -13.61
CA ALA A 176 -8.15 -25.55 -12.46
C ALA A 176 -6.87 -24.80 -12.74
N ARG A 177 -6.48 -23.94 -11.79
CA ARG A 177 -5.31 -23.07 -11.92
C ARG A 177 -4.06 -23.81 -12.31
N ASP A 178 -3.49 -23.39 -13.43
CA ASP A 178 -2.22 -23.92 -13.88
C ASP A 178 -1.27 -22.74 -13.85
N GLN A 179 -0.06 -22.96 -13.33
CA GLN A 179 0.92 -21.90 -13.21
C GLN A 179 1.79 -21.75 -14.45
N ILE A 180 2.11 -20.49 -14.74
CA ILE A 180 2.78 -20.10 -15.96
C ILE A 180 4.27 -20.45 -15.94
N ASN A 181 4.86 -20.48 -17.14
CA ASN A 181 6.29 -20.70 -17.30
C ASN A 181 6.85 -19.67 -18.26
N ALA A 182 7.75 -18.83 -17.76
CA ALA A 182 8.26 -17.71 -18.54
C ALA A 182 9.51 -18.04 -19.34
N VAL A 183 9.97 -19.27 -19.20
CA VAL A 183 11.18 -19.75 -19.88
C VAL A 183 10.95 -21.05 -20.67
N THR A 184 11.74 -21.25 -21.73
CA THR A 184 11.63 -22.40 -22.61
C THR A 184 11.98 -23.71 -21.91
N SER A 185 11.18 -24.74 -22.17
CA SER A 185 11.32 -26.03 -21.52
C SER A 185 12.50 -26.88 -21.96
N PHE A 186 13.23 -26.42 -22.98
CA PHE A 186 14.35 -27.18 -23.50
C PHE A 186 15.63 -26.68 -22.86
N LEU A 187 16.62 -27.56 -22.73
CA LEU A 187 17.97 -27.12 -22.39
C LEU A 187 18.51 -26.41 -23.61
N ASP A 188 18.36 -25.09 -23.63
CA ASP A 188 18.77 -24.33 -24.81
C ASP A 188 19.54 -23.06 -24.48
N ALA A 189 20.03 -22.94 -23.26
CA ALA A 189 20.67 -21.72 -22.80
C ALA A 189 19.75 -20.51 -22.92
N SER A 190 18.50 -20.72 -22.37
CA SER A 190 17.52 -19.64 -22.27
C SER A 190 18.03 -18.55 -21.37
N LEU A 191 18.71 -18.92 -20.31
CA LEU A 191 19.25 -18.06 -19.27
C LEU A 191 20.39 -17.15 -19.75
N VAL A 192 20.92 -17.44 -20.93
CA VAL A 192 22.01 -16.67 -21.51
C VAL A 192 21.53 -15.82 -22.68
N TYR A 193 20.42 -16.22 -23.31
CA TYR A 193 19.93 -15.58 -24.53
C TYR A 193 18.57 -14.89 -24.39
N GLY A 194 17.84 -15.23 -23.34
CA GLY A 194 16.50 -14.71 -23.17
C GLY A 194 15.45 -15.67 -23.66
N SER A 195 14.19 -15.40 -23.32
CA SER A 195 13.07 -16.21 -23.75
C SER A 195 11.99 -15.36 -24.40
N GLU A 196 12.16 -14.06 -24.29
CA GLU A 196 11.28 -13.10 -24.94
C GLU A 196 12.09 -12.53 -26.10
N PRO A 197 11.58 -12.62 -27.33
CA PRO A 197 12.30 -12.05 -28.49
C PRO A 197 12.75 -10.61 -28.24
N LEU A 199 13.58 -9.12 -25.29
CA LEU A 199 14.71 -9.10 -24.39
C LEU A 199 15.98 -9.64 -25.04
N ALA A 200 15.82 -10.57 -25.97
CA ALA A 200 16.94 -11.23 -26.63
C ALA A 200 17.73 -10.31 -27.55
N SER A 201 17.06 -9.29 -28.08
CA SER A 201 17.68 -8.37 -29.02
C SER A 201 18.32 -7.19 -28.33
N ARG A 202 18.24 -7.15 -26.99
CA ARG A 202 18.80 -6.07 -26.19
C ARG A 202 20.13 -6.48 -25.56
N LEU A 203 20.31 -7.78 -25.37
CA LEU A 203 21.52 -8.33 -24.78
C LEU A 203 22.61 -8.46 -25.83
N ARG A 204 22.28 -8.10 -27.07
CA ARG A 204 23.18 -8.27 -28.21
C ARG A 204 23.86 -6.97 -28.60
N ASN A 205 25.05 -7.09 -29.20
CA ASN A 205 25.75 -5.92 -29.75
C ASN A 205 25.50 -5.83 -31.26
N LEU A 206 24.42 -5.15 -31.64
CA LEU A 206 24.09 -4.98 -33.05
C LEU A 206 24.81 -3.76 -33.63
N SER A 207 25.75 -3.25 -32.88
CA SER A 207 26.71 -2.23 -33.27
C SER A 207 27.74 -2.73 -34.23
N SER A 208 28.19 -3.94 -34.05
CA SER A 208 29.22 -4.48 -34.88
C SER A 208 28.85 -5.85 -35.32
N PRO A 209 29.06 -6.18 -36.59
CA PRO A 209 28.67 -7.48 -37.13
C PRO A 209 29.62 -8.61 -36.92
N LEU A 210 29.86 -8.95 -35.68
CA LEU A 210 30.65 -10.08 -35.31
C LEU A 210 29.71 -10.92 -34.53
N GLY A 211 28.46 -10.55 -34.55
CA GLY A 211 27.54 -11.42 -33.83
C GLY A 211 28.01 -11.70 -32.42
N LEU A 212 28.06 -10.65 -31.60
CA LEU A 212 28.56 -10.76 -30.24
C LEU A 212 27.48 -10.40 -29.22
N MET A 213 27.63 -10.92 -28.01
CA MET A 213 26.72 -10.59 -26.93
C MET A 213 27.18 -9.32 -26.22
N ALA A 214 26.29 -8.34 -26.13
CA ALA A 214 26.60 -7.03 -25.56
C ALA A 214 27.17 -7.14 -24.15
N VAL A 215 28.34 -6.54 -23.95
CA VAL A 215 29.03 -6.61 -22.66
C VAL A 215 29.05 -5.28 -21.89
N ASN A 216 29.68 -5.30 -20.72
CA ASN A 216 29.78 -4.14 -19.86
C ASN A 216 30.83 -3.15 -20.38
N GLN A 217 30.50 -1.87 -20.29
CA GLN A 217 31.36 -0.81 -20.80
C GLN A 217 32.21 -0.20 -19.70
N GLU A 218 31.77 -0.41 -18.46
CA GLU A 218 32.21 0.41 -17.34
C GLU A 218 32.97 -0.35 -16.26
N ALA A 219 32.71 -1.65 -16.16
CA ALA A 219 33.44 -2.49 -15.23
C ALA A 219 34.22 -3.53 -16.02
N TRP A 220 35.40 -3.88 -15.52
CA TRP A 220 36.27 -4.82 -16.24
C TRP A 220 36.95 -5.82 -15.30
N ASP A 221 37.31 -6.97 -15.85
CA ASP A 221 37.91 -8.06 -15.08
C ASP A 221 39.17 -8.56 -15.79
N HIS A 222 40.28 -7.86 -15.57
CA HIS A 222 41.57 -8.12 -16.23
C HIS A 222 41.46 -8.29 -17.75
N GLY A 223 40.75 -7.37 -18.40
CA GLY A 223 40.51 -7.43 -19.84
C GLY A 223 39.33 -8.32 -20.21
N LEU A 224 38.99 -9.24 -19.31
CA LEU A 224 37.84 -10.11 -19.53
C LEU A 224 36.58 -9.40 -19.06
N ALA A 225 35.45 -9.75 -19.67
CA ALA A 225 34.22 -8.96 -19.60
C ALA A 225 33.24 -9.33 -18.48
N TYR A 226 32.22 -8.50 -18.33
CA TYR A 226 31.10 -8.73 -17.44
C TYR A 226 29.81 -8.60 -18.22
N PRO A 227 28.70 -9.17 -17.71
CA PRO A 227 27.39 -8.89 -18.32
C PRO A 227 27.06 -7.40 -18.14
N PRO A 228 26.10 -6.87 -18.93
CA PRO A 228 25.77 -5.47 -18.73
C PRO A 228 24.96 -5.27 -17.46
N PHE A 229 24.91 -4.02 -16.98
CA PHE A 229 24.11 -3.68 -15.80
C PHE A 229 22.67 -3.41 -16.18
N ASN A 230 21.76 -3.93 -15.38
CA ASN A 230 20.35 -3.60 -15.54
C ASN A 230 20.11 -2.21 -14.96
N ASN A 231 20.15 -1.20 -15.83
CA ASN A 231 20.03 0.19 -15.40
C ASN A 231 18.56 0.63 -15.25
N VAL A 232 17.80 -0.17 -14.50
CA VAL A 232 16.48 0.25 -14.06
C VAL A 232 16.48 0.37 -12.55
N LYS A 233 16.12 1.54 -12.06
CA LYS A 233 16.06 1.81 -10.63
C LYS A 233 14.60 1.72 -10.20
N PRO A 234 14.30 1.03 -9.08
CA PRO A 234 15.18 0.50 -8.05
C PRO A 234 15.93 -0.77 -8.43
N SER A 235 17.00 -1.08 -7.69
CA SER A 235 17.84 -2.23 -7.97
C SER A 235 18.19 -2.97 -6.68
N PRO A 236 17.75 -4.24 -6.55
CA PRO A 236 18.04 -5.07 -5.37
C PRO A 236 19.53 -5.16 -5.04
N CYS A 237 20.38 -5.01 -6.06
CA CYS A 237 21.83 -5.05 -5.86
C CYS A 237 22.40 -3.76 -5.27
N GLU A 238 21.86 -2.62 -5.71
CA GLU A 238 22.28 -1.31 -5.20
C GLU A 238 21.89 -1.13 -3.74
N PHE A 239 20.78 -1.75 -3.35
CA PHE A 239 20.22 -1.61 -2.01
C PHE A 239 21.14 -2.11 -0.88
N ILE A 240 21.84 -3.21 -1.11
CA ILE A 240 22.60 -3.86 -0.03
C ILE A 240 23.98 -3.23 0.27
N ASN A 241 24.42 -2.33 -0.60
CA ASN A 241 25.52 -1.42 -0.34
C ASN A 241 25.32 -0.23 -1.29
N THR A 242 24.89 0.89 -0.72
CA THR A 242 24.57 2.08 -1.52
C THR A 242 25.81 2.92 -1.82
N THR A 243 26.77 2.92 -0.90
CA THR A 243 28.03 3.67 -1.09
C THR A 243 28.65 3.33 -2.45
N ALA A 244 28.62 2.09 -2.85
CA ALA A 244 29.11 1.78 -4.18
C ALA A 244 27.82 1.51 -4.80
N HIS A 245 27.38 2.21 -5.80
CA HIS A 245 26.09 1.81 -6.24
C HIS A 245 26.35 1.01 -7.47
N VAL A 246 26.25 -0.31 -7.32
CA VAL A 246 26.49 -1.23 -8.40
C VAL A 246 25.28 -2.04 -8.60
N PRO A 247 24.57 -1.81 -9.67
CA PRO A 247 23.34 -2.52 -9.98
C PRO A 247 23.59 -3.97 -10.38
N CYS A 248 22.50 -4.72 -10.54
CA CYS A 248 22.55 -6.13 -10.92
C CYS A 248 23.03 -6.32 -12.36
N PHE A 249 23.26 -7.57 -12.74
CA PHE A 249 23.66 -7.89 -14.11
C PHE A 249 22.44 -8.17 -14.96
N GLN A 250 22.55 -7.80 -16.24
CA GLN A 250 21.50 -8.08 -17.20
C GLN A 250 21.84 -9.37 -17.93
N ALA A 251 20.88 -10.30 -17.93
CA ALA A 251 21.08 -11.60 -18.55
C ALA A 251 19.78 -12.12 -19.16
N GLY A 252 19.86 -13.28 -19.81
CA GLY A 252 18.70 -13.90 -20.45
C GLY A 252 17.63 -14.35 -19.47
N ASP A 253 17.96 -14.27 -18.18
CA ASP A 253 17.05 -14.65 -17.12
C ASP A 253 17.08 -13.58 -16.01
N SER A 254 15.94 -13.35 -15.38
CA SER A 254 15.81 -12.33 -14.33
C SER A 254 16.69 -12.60 -13.11
N ARG A 255 16.99 -13.86 -12.88
CA ARG A 255 17.49 -14.30 -11.59
C ARG A 255 19.02 -14.32 -11.53
N ALA A 256 19.64 -13.84 -12.59
CA ALA A 256 21.10 -13.90 -12.77
C ALA A 256 21.89 -13.37 -11.56
N SER A 257 21.29 -12.43 -10.83
CA SER A 257 21.98 -11.76 -9.73
C SER A 257 21.51 -12.17 -8.33
N GLU A 258 20.69 -13.19 -8.24
CA GLU A 258 20.17 -13.69 -6.97
C GLU A 258 21.28 -14.05 -5.96
N GLN A 259 22.45 -14.42 -6.48
CA GLN A 259 23.53 -14.91 -5.64
C GLN A 259 24.90 -14.66 -6.32
N ILE A 260 25.95 -14.46 -5.54
CA ILE A 260 27.29 -14.19 -6.10
C ILE A 260 27.67 -15.23 -7.14
N LEU A 261 27.66 -16.50 -6.74
CA LEU A 261 28.19 -17.57 -7.58
C LEU A 261 27.36 -17.78 -8.84
N LEU A 262 26.05 -17.67 -8.71
CA LEU A 262 25.13 -17.79 -9.85
C LEU A 262 25.52 -16.80 -10.92
N ALA A 263 25.82 -15.57 -10.51
CA ALA A 263 26.31 -14.53 -11.41
C ALA A 263 27.70 -14.84 -11.98
N THR A 264 28.47 -15.68 -11.30
CA THR A 264 29.82 -16.06 -11.74
C THR A 264 29.80 -17.04 -12.91
N VAL A 265 29.12 -18.18 -12.73
CA VAL A 265 28.99 -19.22 -13.78
C VAL A 265 28.16 -18.70 -14.95
N HIS A 266 27.52 -17.56 -14.70
CA HIS A 266 26.66 -16.92 -15.68
C HIS A 266 27.49 -15.98 -16.55
N THR A 267 28.60 -15.51 -15.96
CA THR A 267 29.57 -14.64 -16.63
C THR A 267 30.62 -15.50 -17.36
N LEU A 268 30.67 -16.79 -17.03
CA LEU A 268 31.43 -17.74 -17.81
C LEU A 268 30.67 -18.10 -19.08
N LEU A 269 29.35 -18.24 -18.96
CA LEU A 269 28.49 -18.55 -20.11
C LEU A 269 28.46 -17.40 -21.13
N LEU A 270 28.37 -16.16 -20.66
CA LEU A 270 28.38 -14.99 -21.55
C LEU A 270 29.72 -14.84 -22.28
N ARG A 271 30.81 -15.01 -21.54
CA ARG A 271 32.15 -14.87 -22.09
C ARG A 271 32.42 -15.94 -23.15
N GLU A 272 31.89 -17.14 -22.92
CA GLU A 272 32.04 -18.24 -23.85
C GLU A 272 31.38 -17.95 -25.21
N HIS A 273 30.24 -17.26 -25.20
CA HIS A 273 29.59 -16.89 -26.45
C HIS A 273 30.48 -15.98 -27.29
N ASN A 274 30.95 -14.89 -26.69
CA ASN A 274 31.79 -13.94 -27.40
C ASN A 274 33.14 -14.51 -27.83
N ARG A 275 33.60 -15.57 -27.16
CA ARG A 275 34.83 -16.25 -27.57
C ARG A 275 34.59 -17.13 -28.80
N LEU A 276 33.46 -17.86 -28.80
CA LEU A 276 33.11 -18.75 -29.91
C LEU A 276 32.77 -17.92 -31.15
N ALA A 277 31.95 -16.90 -30.95
CA ALA A 277 31.56 -16.00 -32.03
C ALA A 277 32.75 -15.25 -32.61
N ARG A 278 33.75 -14.98 -31.77
CA ARG A 278 34.98 -14.35 -32.25
C ARG A 278 35.72 -15.37 -33.10
N GLU A 279 36.02 -16.52 -32.50
CA GLU A 279 36.70 -17.62 -33.18
C GLU A 279 36.07 -18.00 -34.51
N LEU A 280 34.75 -17.79 -34.64
CA LEU A 280 34.00 -18.24 -35.82
C LEU A 280 33.97 -17.25 -36.99
N LYS A 281 34.43 -16.02 -36.76
CA LYS A 281 34.71 -15.10 -37.87
C LYS A 281 36.14 -15.35 -38.36
N ARG A 282 36.96 -15.88 -37.46
CA ARG A 282 38.36 -16.18 -37.74
C ARG A 282 38.44 -17.25 -38.83
N LEU A 283 37.53 -18.21 -38.80
CA LEU A 283 37.51 -19.28 -39.79
C LEU A 283 36.75 -19.00 -41.02
N ASN A 284 35.59 -18.38 -40.89
CA ASN A 284 34.69 -18.06 -41.99
C ASN A 284 34.29 -16.63 -41.99
N PRO A 285 35.12 -15.78 -42.52
CA PRO A 285 34.90 -14.37 -42.43
C PRO A 285 33.83 -13.94 -43.36
N HIS A 286 33.42 -14.81 -44.26
CA HIS A 286 32.37 -14.45 -45.20
C HIS A 286 31.02 -14.33 -44.60
N TRP A 287 30.86 -14.79 -43.37
CA TRP A 287 29.60 -14.75 -42.66
C TRP A 287 29.10 -13.36 -42.20
N ASP A 288 27.80 -13.15 -42.24
CA ASP A 288 27.11 -11.98 -41.70
C ASP A 288 26.96 -12.13 -40.18
N GLY A 289 26.45 -11.09 -39.54
CA GLY A 289 26.37 -11.01 -38.07
C GLY A 289 25.43 -11.97 -37.35
N GLU A 290 24.28 -12.26 -37.95
CA GLU A 290 23.33 -13.20 -37.35
C GLU A 290 23.78 -14.65 -37.44
N MET A 291 24.42 -15.03 -38.55
CA MET A 291 24.93 -16.39 -38.66
C MET A 291 26.11 -16.60 -37.70
N LEU A 292 26.67 -15.50 -37.21
CA LEU A 292 27.68 -15.57 -36.13
C LEU A 292 27.01 -15.87 -34.79
N TYR A 293 26.10 -14.98 -34.37
CA TYR A 293 25.34 -15.14 -33.14
C TYR A 293 24.66 -16.51 -33.06
N GLN A 294 23.97 -16.89 -34.14
CA GLN A 294 23.19 -18.12 -34.19
C GLN A 294 24.01 -19.42 -34.13
N GLU A 295 25.15 -19.45 -34.81
CA GLU A 295 26.01 -20.64 -34.78
C GLU A 295 26.65 -20.80 -33.42
N ALA A 296 27.06 -19.67 -32.83
CA ALA A 296 27.67 -19.65 -31.49
C ALA A 296 26.64 -20.00 -30.41
N ARG A 297 25.40 -19.59 -30.63
CA ARG A 297 24.28 -19.94 -29.76
C ARG A 297 24.03 -21.45 -29.76
N LYS A 298 23.97 -22.04 -30.96
CA LYS A 298 23.75 -23.49 -31.12
C LYS A 298 24.84 -24.32 -30.44
N ILE A 299 26.09 -23.91 -30.61
CA ILE A 299 27.18 -24.64 -29.99
C ILE A 299 27.26 -24.46 -28.47
N LEU A 300 26.79 -23.32 -27.95
CA LEU A 300 26.73 -23.09 -26.49
C LEU A 300 25.63 -23.92 -25.83
N GLY A 301 24.50 -24.05 -26.52
CA GLY A 301 23.40 -24.92 -26.10
C GLY A 301 23.86 -26.36 -26.06
N ALA A 302 24.58 -26.77 -27.10
CA ALA A 302 25.23 -28.07 -27.13
C ALA A 302 26.09 -28.27 -25.87
N PHE A 303 26.88 -27.26 -25.53
CA PHE A 303 27.71 -27.28 -24.33
C PHE A 303 26.91 -27.65 -23.08
N ILE A 304 25.83 -26.90 -22.81
CA ILE A 304 25.03 -27.07 -21.58
C ILE A 304 24.31 -28.42 -21.53
N GLN A 305 23.85 -28.90 -22.69
CA GLN A 305 23.19 -30.20 -22.79
C GLN A 305 24.13 -31.35 -22.53
N ILE A 306 25.36 -31.26 -23.06
CA ILE A 306 26.39 -32.29 -22.87
C ILE A 306 26.85 -32.39 -21.40
N ILE A 307 27.15 -31.25 -20.78
CA ILE A 307 27.58 -31.28 -19.38
C ILE A 307 26.48 -31.78 -18.46
N THR A 308 25.27 -31.23 -18.61
CA THR A 308 24.12 -31.61 -17.81
C THR A 308 23.88 -33.12 -17.81
N PHE A 309 23.87 -33.71 -19.01
CA PHE A 309 23.51 -35.12 -19.16
C PHE A 309 24.65 -36.10 -18.95
N ARG A 310 25.89 -35.68 -19.20
CA ARG A 310 27.02 -36.61 -19.11
C ARG A 310 27.71 -36.58 -17.77
N ASP A 311 27.69 -35.42 -17.12
CA ASP A 311 28.50 -35.18 -15.91
C ASP A 311 27.70 -34.92 -14.64
N TYR A 312 26.54 -34.28 -14.79
CA TYR A 312 25.72 -33.86 -13.65
C TYR A 312 24.68 -34.92 -13.29
N LEU A 313 23.80 -35.23 -14.24
CA LEU A 313 22.68 -36.17 -14.00
C LEU A 313 23.08 -37.52 -13.39
N PRO A 314 24.18 -38.16 -13.88
CA PRO A 314 24.65 -39.42 -13.28
C PRO A 314 25.13 -39.31 -11.84
N ILE A 315 25.62 -38.15 -11.43
CA ILE A 315 26.02 -37.95 -10.02
C ILE A 315 24.86 -37.42 -9.16
N VAL A 316 23.76 -37.08 -9.79
CA VAL A 316 22.56 -36.75 -9.07
C VAL A 316 21.63 -37.93 -9.02
N LEU A 317 21.25 -38.51 -10.14
CA LEU A 317 20.33 -39.66 -10.19
C LEU A 317 20.94 -40.96 -9.69
N GLY A 318 22.19 -41.22 -10.07
CA GLY A 318 22.93 -42.40 -9.61
C GLY A 318 22.41 -43.70 -10.21
N SER A 319 22.33 -44.73 -9.36
CA SER A 319 21.85 -46.05 -9.75
C SER A 319 20.53 -46.03 -10.50
N GLU A 320 19.79 -44.92 -10.35
CA GLU A 320 18.48 -44.76 -10.97
C GLU A 320 18.55 -44.07 -12.34
N MET A 321 19.77 -43.72 -12.77
CA MET A 321 19.99 -43.07 -14.07
C MET A 321 19.53 -43.98 -15.21
N GLN A 322 20.05 -45.21 -15.24
CA GLN A 322 19.76 -46.19 -16.29
C GLN A 322 18.28 -46.53 -16.35
N LYS A 323 17.62 -46.45 -15.20
CA LYS A 323 16.20 -46.72 -15.07
C LYS A 323 15.36 -45.67 -15.79
N TRP A 324 15.78 -44.41 -15.70
CA TRP A 324 14.96 -43.27 -16.16
C TRP A 324 15.48 -42.53 -17.38
N ILE A 325 16.79 -42.46 -17.51
CA ILE A 325 17.44 -41.93 -18.71
C ILE A 325 18.11 -43.13 -19.42
N PRO A 326 17.35 -43.85 -20.26
CA PRO A 326 17.99 -44.90 -21.04
C PRO A 326 18.84 -44.26 -22.14
N PRO A 327 19.81 -45.00 -22.73
CA PRO A 327 20.61 -44.41 -23.80
C PRO A 327 19.74 -43.84 -24.93
N TYR A 328 20.32 -42.93 -25.71
CA TYR A 328 19.60 -42.21 -26.76
C TYR A 328 19.24 -43.09 -27.94
N GLN A 329 18.01 -42.94 -28.43
CA GLN A 329 17.56 -43.65 -29.62
C GLN A 329 16.72 -42.76 -30.54
N GLY A 330 17.29 -41.63 -30.96
CA GLY A 330 16.62 -40.71 -31.87
C GLY A 330 15.64 -39.76 -31.21
N TYR A 331 14.68 -39.31 -32.00
CA TYR A 331 13.74 -38.26 -31.59
C TYR A 331 12.30 -38.76 -31.69
N ASN A 332 11.45 -38.25 -30.81
CA ASN A 332 10.05 -38.65 -30.72
C ASN A 332 9.16 -37.42 -30.77
N ASN A 333 8.42 -37.24 -31.87
CA ASN A 333 7.55 -36.07 -32.00
C ASN A 333 6.29 -36.14 -31.12
N SER A 334 6.09 -37.29 -30.49
CA SER A 334 4.90 -37.57 -29.69
C SER A 334 5.09 -37.37 -28.18
N VAL A 335 6.32 -37.03 -27.78
CA VAL A 335 6.60 -36.82 -26.35
C VAL A 335 6.45 -35.35 -25.97
N ASP A 336 5.84 -35.12 -24.81
CA ASP A 336 5.65 -33.79 -24.26
C ASP A 336 6.98 -33.28 -23.70
N PRO A 337 7.54 -32.20 -24.29
CA PRO A 337 8.84 -31.70 -23.88
C PRO A 337 8.78 -30.71 -22.72
N ARG A 338 7.56 -30.45 -22.22
CA ARG A 338 7.33 -29.35 -21.30
C ARG A 338 7.67 -29.68 -19.86
N ILE A 339 7.99 -28.65 -19.09
CA ILE A 339 8.20 -28.80 -17.66
C ILE A 339 6.86 -28.90 -16.94
N SER A 340 6.67 -30.02 -16.24
CA SER A 340 5.49 -30.25 -15.44
C SER A 340 5.60 -29.49 -14.15
N ASN A 341 4.47 -29.23 -13.50
CA ASN A 341 4.47 -28.41 -12.30
C ASN A 341 5.33 -28.97 -11.19
N VAL A 342 5.09 -30.22 -10.82
CA VAL A 342 5.81 -30.88 -9.71
C VAL A 342 7.32 -30.76 -9.81
N PHE A 343 7.81 -30.68 -11.04
CA PHE A 343 9.24 -30.60 -11.30
C PHE A 343 9.81 -29.34 -10.70
N THR A 344 9.11 -28.22 -10.86
CA THR A 344 9.58 -26.95 -10.31
C THR A 344 9.72 -26.99 -8.78
N PHE A 345 9.35 -28.12 -8.18
CA PHE A 345 9.47 -28.30 -6.74
C PHE A 345 10.42 -29.42 -6.40
N ALA A 346 10.42 -30.45 -7.25
CA ALA A 346 11.33 -31.59 -7.10
C ALA A 346 12.80 -31.17 -7.28
N PHE A 347 13.03 -30.30 -8.26
CA PHE A 347 14.38 -29.85 -8.61
C PHE A 347 14.92 -28.81 -7.61
N ARG A 348 14.05 -28.35 -6.71
CA ARG A 348 14.44 -27.48 -5.60
C ARG A 348 15.26 -28.24 -4.55
N PHE A 349 15.44 -29.55 -4.77
CA PHE A 349 16.24 -30.40 -3.88
C PHE A 349 17.61 -29.79 -3.60
N GLY A 350 18.09 -28.97 -4.53
CA GLY A 350 19.37 -28.28 -4.39
C GLY A 350 19.45 -27.31 -3.22
N HIS A 351 18.30 -26.80 -2.78
CA HIS A 351 18.27 -25.88 -1.66
C HIS A 351 18.89 -26.47 -0.41
N MET A 352 19.01 -27.79 -0.38
CA MET A 352 19.59 -28.49 0.75
C MET A 352 21.06 -28.80 0.48
N GLU A 353 21.59 -28.25 -0.61
CA GLU A 353 22.96 -28.49 -0.99
C GLU A 353 23.81 -27.22 -0.88
N VAL A 354 23.16 -26.12 -0.53
CA VAL A 354 23.86 -24.84 -0.36
C VAL A 354 24.48 -24.76 1.04
N PRO A 355 25.82 -24.53 1.10
CA PRO A 355 26.52 -24.41 2.37
C PRO A 355 26.51 -23.00 2.92
N SER A 356 26.84 -22.87 4.22
CA SER A 356 26.68 -21.61 4.95
C SER A 356 27.55 -20.46 4.43
N THR A 357 28.75 -20.79 3.97
CA THR A 357 29.70 -19.77 3.55
C THR A 357 30.11 -19.90 2.08
N VAL A 358 30.54 -18.78 1.49
CA VAL A 358 31.16 -18.78 0.18
C VAL A 358 32.54 -18.14 0.32
N SER A 359 33.57 -18.89 -0.06
CA SER A 359 34.94 -18.44 0.09
C SER A 359 35.59 -18.03 -1.22
N ARG A 360 36.70 -17.31 -1.09
CA ARG A 360 37.35 -16.59 -2.17
C ARG A 360 38.85 -16.85 -2.09
N LEU A 361 39.38 -17.53 -3.10
CA LEU A 361 40.76 -18.07 -3.06
C LEU A 361 41.73 -17.33 -3.98
N ASP A 362 42.99 -17.27 -3.57
CA ASP A 362 44.03 -16.63 -4.35
C ASP A 362 44.66 -17.62 -5.34
N GLU A 363 45.68 -17.15 -6.07
CA GLU A 363 46.29 -17.89 -7.17
C GLU A 363 47.05 -19.16 -6.78
N ASN A 364 47.09 -19.45 -5.48
CA ASN A 364 47.64 -20.71 -4.99
C ASN A 364 46.57 -21.52 -4.26
N TYR A 365 45.31 -21.21 -4.57
CA TYR A 365 44.14 -21.82 -3.92
C TYR A 365 44.17 -21.65 -2.40
N GLN A 366 44.71 -20.53 -1.94
CA GLN A 366 44.90 -20.24 -0.53
C GLN A 366 43.97 -19.13 -0.23
N PRO A 367 43.54 -18.93 0.99
CA PRO A 367 42.52 -17.94 1.24
C PRO A 367 42.89 -16.59 0.72
N TRP A 368 41.96 -15.85 0.14
CA TRP A 368 42.25 -14.57 -0.51
C TRP A 368 42.01 -13.37 0.38
N GLY A 369 43.00 -13.06 1.21
CA GLY A 369 42.95 -11.86 2.02
C GLY A 369 42.28 -12.02 3.37
N PRO A 370 41.90 -10.88 3.99
CA PRO A 370 41.44 -10.82 5.38
C PRO A 370 40.02 -11.34 5.61
N GLU A 371 39.14 -11.12 4.63
CA GLU A 371 37.73 -11.44 4.76
C GLU A 371 37.34 -12.55 3.79
N ALA A 372 38.30 -13.44 3.51
CA ALA A 372 38.13 -14.48 2.50
C ALA A 372 36.76 -15.14 2.51
N GLU A 373 36.41 -15.72 3.66
CA GLU A 373 35.21 -16.55 3.77
C GLU A 373 33.98 -15.76 4.21
N LEU A 374 33.09 -15.51 3.26
CA LEU A 374 31.88 -14.71 3.52
C LEU A 374 30.64 -15.56 3.77
N PRO A 375 29.87 -15.23 4.83
CA PRO A 375 28.51 -15.75 5.01
C PRO A 375 27.64 -15.55 3.75
N LEU A 376 26.91 -16.60 3.38
CA LEU A 376 26.10 -16.62 2.17
C LEU A 376 24.98 -15.59 2.18
N HIS A 377 24.58 -15.16 3.38
CA HIS A 377 23.46 -14.24 3.53
C HIS A 377 23.83 -12.81 3.17
N THR A 378 25.12 -12.50 3.21
CA THR A 378 25.60 -11.19 2.79
C THR A 378 25.80 -11.15 1.27
N LEU A 379 25.37 -12.21 0.59
CA LEU A 379 25.68 -12.43 -0.82
C LEU A 379 24.48 -12.38 -1.77
N PHE A 380 23.27 -12.42 -1.23
CA PHE A 380 22.08 -12.29 -2.07
C PHE A 380 22.04 -10.90 -2.67
N PHE A 381 21.97 -10.86 -4.00
CA PHE A 381 22.00 -9.62 -4.79
C PHE A 381 23.22 -8.78 -4.48
N ASN A 382 24.36 -9.45 -4.48
CA ASN A 382 25.65 -8.82 -4.23
C ASN A 382 26.48 -8.83 -5.51
N THR A 383 26.48 -7.70 -6.21
CA THR A 383 27.34 -7.54 -7.39
C THR A 383 28.56 -6.69 -7.09
N TRP A 384 28.55 -6.00 -5.95
CA TRP A 384 29.70 -5.16 -5.57
C TRP A 384 30.91 -5.98 -5.14
N ARG A 385 30.68 -7.15 -4.56
CA ARG A 385 31.76 -8.06 -4.17
C ARG A 385 32.50 -8.70 -5.34
N ILE A 386 32.03 -8.48 -6.58
CA ILE A 386 32.73 -9.02 -7.74
C ILE A 386 33.29 -7.97 -8.68
N ILE A 387 32.58 -6.85 -8.87
CA ILE A 387 33.14 -5.72 -9.61
C ILE A 387 34.23 -5.04 -8.78
N LYS A 388 34.03 -4.99 -7.45
CA LYS A 388 34.88 -4.22 -6.54
C LYS A 388 35.85 -5.04 -5.66
N ASP A 389 35.60 -6.34 -5.52
CA ASP A 389 36.40 -7.19 -4.62
C ASP A 389 37.11 -8.35 -5.35
N GLY A 390 37.74 -8.04 -6.48
CA GLY A 390 38.70 -8.96 -7.11
C GLY A 390 38.36 -9.71 -8.38
N GLY A 391 37.19 -9.45 -8.96
CA GLY A 391 36.77 -10.16 -10.16
C GLY A 391 36.22 -11.55 -9.85
N ILE A 392 36.17 -12.42 -10.85
CA ILE A 392 35.56 -13.74 -10.69
C ILE A 392 36.56 -14.88 -10.51
N ASP A 393 37.85 -14.59 -10.70
CA ASP A 393 38.89 -15.60 -10.51
C ASP A 393 39.01 -16.17 -9.09
N PRO A 394 38.90 -15.31 -8.06
CA PRO A 394 38.80 -15.86 -6.69
C PRO A 394 37.49 -16.62 -6.36
N LEU A 395 36.46 -16.52 -7.22
CA LEU A 395 35.19 -17.22 -6.99
C LEU A 395 35.05 -18.53 -7.79
N VAL A 396 35.55 -18.54 -9.02
CA VAL A 396 35.63 -19.76 -9.81
C VAL A 396 36.54 -20.76 -9.08
N ARG A 397 37.50 -20.22 -8.34
CA ARG A 397 38.51 -21.03 -7.66
C ARG A 397 37.91 -21.75 -6.45
N GLY A 398 36.99 -21.07 -5.76
CA GLY A 398 36.28 -21.65 -4.63
C GLY A 398 35.31 -22.72 -5.07
N LEU A 399 34.67 -22.50 -6.22
CA LEU A 399 33.76 -23.48 -6.84
C LEU A 399 34.45 -24.83 -7.07
N LEU A 400 35.67 -24.79 -7.60
CA LEU A 400 36.41 -26.03 -7.88
C LEU A 400 36.95 -26.67 -6.61
N ALA A 401 37.39 -25.84 -5.66
CA ALA A 401 38.12 -26.34 -4.48
C ALA A 401 37.26 -26.66 -3.26
N LYS A 402 36.07 -26.06 -3.15
CA LYS A 402 35.30 -26.18 -1.91
C LYS A 402 34.07 -27.08 -2.03
N ASN A 403 33.77 -27.82 -0.95
CA ASN A 403 32.63 -28.72 -0.89
C ASN A 403 31.30 -28.00 -0.77
N SER A 404 30.25 -28.64 -1.29
CA SER A 404 28.88 -28.21 -1.05
C SER A 404 28.32 -28.93 0.18
N LYS A 405 27.11 -28.56 0.57
CA LYS A 405 26.42 -29.22 1.68
C LYS A 405 25.86 -30.58 1.26
N LEU A 406 26.10 -31.60 2.09
CA LEU A 406 25.48 -32.90 1.91
C LEU A 406 24.13 -32.88 2.60
N MET A 407 23.08 -33.20 1.86
CA MET A 407 21.73 -33.26 2.43
C MET A 407 21.71 -34.26 3.58
N ASN A 408 21.21 -33.80 4.72
CA ASN A 408 21.20 -34.56 5.93
C ASN A 408 19.80 -34.45 6.52
N GLN A 409 19.32 -35.53 7.13
CA GLN A 409 17.98 -35.53 7.73
C GLN A 409 17.92 -34.65 8.99
N ASN A 410 18.97 -34.72 9.81
CA ASN A 410 19.12 -33.88 10.99
C ASN A 410 19.54 -32.45 10.67
N LYS A 411 20.02 -32.22 9.44
CA LYS A 411 20.47 -30.91 8.97
C LYS A 411 20.04 -30.64 7.51
N MET A 412 18.86 -30.03 7.33
CA MET A 412 18.22 -29.97 6.00
C MET A 412 18.54 -28.75 5.13
N VAL A 413 18.23 -27.55 5.59
CA VAL A 413 18.53 -26.31 4.85
C VAL A 413 19.20 -25.32 5.79
N THR A 414 20.33 -24.75 5.36
CA THR A 414 21.10 -23.83 6.23
C THR A 414 20.31 -22.62 6.71
N SER A 415 20.68 -22.11 7.87
CA SER A 415 20.01 -20.98 8.50
C SER A 415 20.21 -19.69 7.71
N GLU A 416 21.24 -19.68 6.87
CA GLU A 416 21.53 -18.57 5.98
C GLU A 416 20.50 -18.51 4.86
N LEU A 417 19.91 -19.66 4.53
CA LEU A 417 18.80 -19.72 3.59
C LEU A 417 17.45 -19.67 4.32
N ARG A 418 17.39 -20.36 5.47
CA ARG A 418 16.13 -20.57 6.22
C ARG A 418 15.75 -19.42 7.17
N ASN A 419 16.70 -18.53 7.47
CA ASN A 419 16.43 -17.43 8.37
C ASN A 419 16.78 -16.04 7.84
N LYS A 420 17.78 -15.97 6.95
CA LYS A 420 18.29 -14.66 6.53
C LYS A 420 18.25 -14.40 5.00
N LEU A 421 17.22 -14.93 4.33
CA LEU A 421 17.07 -14.72 2.87
C LEU A 421 16.66 -13.30 2.53
N PHE A 422 17.40 -12.70 1.59
CA PHE A 422 17.01 -11.42 1.02
C PHE A 422 16.08 -11.65 -0.16
N GLN A 423 14.97 -10.91 -0.16
CA GLN A 423 13.95 -10.99 -1.19
C GLN A 423 13.94 -9.66 -1.94
N PRO A 424 13.96 -9.71 -3.29
CA PRO A 424 14.24 -8.52 -4.12
C PRO A 424 13.29 -7.35 -3.83
N THR A 425 11.99 -7.63 -3.77
CA THR A 425 11.01 -6.59 -3.51
C THR A 425 11.26 -5.89 -2.16
N HIS A 426 11.63 -6.67 -1.14
CA HIS A 426 11.65 -6.20 0.25
C HIS A 426 13.02 -5.73 0.76
N LYS A 427 13.09 -5.40 2.05
CA LYS A 427 14.26 -4.72 2.66
C LYS A 427 15.05 -5.56 3.67
N VAL A 428 14.38 -6.55 4.27
CA VAL A 428 15.00 -7.38 5.32
C VAL A 428 15.75 -8.58 4.77
N HIS A 429 16.81 -8.97 5.48
CA HIS A 429 17.49 -10.25 5.29
C HIS A 429 16.95 -11.24 6.31
N GLY A 430 15.74 -11.76 6.08
CA GLY A 430 15.07 -12.58 7.09
C GLY A 430 13.84 -13.36 6.67
N PHE A 431 13.71 -13.61 5.37
CA PHE A 431 12.68 -14.51 4.87
C PHE A 431 13.16 -15.94 4.96
N ASP A 432 12.22 -16.88 4.89
CA ASP A 432 12.56 -18.29 4.98
C ASP A 432 12.34 -19.00 3.66
N LEU A 433 13.41 -19.59 3.13
CA LEU A 433 13.32 -20.34 1.88
C LEU A 433 12.58 -21.66 2.06
N ALA A 434 12.84 -22.35 3.17
CA ALA A 434 12.15 -23.61 3.45
C ALA A 434 10.66 -23.40 3.64
N ALA A 435 10.31 -22.32 4.34
CA ALA A 435 8.91 -21.99 4.58
C ALA A 435 8.26 -21.45 3.31
N ILE A 436 8.98 -20.63 2.57
CA ILE A 436 8.50 -20.07 1.30
C ILE A 436 8.31 -21.16 0.23
N ASN A 437 9.04 -22.27 0.36
CA ASN A 437 8.88 -23.42 -0.52
C ASN A 437 7.58 -24.17 -0.25
N LEU A 438 7.20 -24.25 1.01
CA LEU A 438 6.05 -25.07 1.41
C LEU A 438 4.70 -24.42 1.07
N GLN A 439 4.58 -23.11 1.32
CA GLN A 439 3.43 -22.34 0.83
C GLN A 439 3.34 -22.45 -0.68
N ARG A 440 4.50 -22.41 -1.34
CA ARG A 440 4.57 -22.41 -2.79
C ARG A 440 4.04 -23.69 -3.40
N CYS A 441 4.13 -24.80 -2.67
CA CYS A 441 3.48 -26.05 -3.09
C CYS A 441 1.98 -25.84 -3.10
N ARG A 442 1.45 -25.42 -1.96
CA ARG A 442 0.04 -25.20 -1.77
C ARG A 442 -0.51 -24.18 -2.76
N ASP A 443 0.31 -23.20 -3.13
CA ASP A 443 -0.07 -22.19 -4.12
C ASP A 443 -0.25 -22.80 -5.50
N HIS A 444 0.66 -23.71 -5.86
CA HIS A 444 0.67 -24.24 -7.21
C HIS A 444 -0.36 -25.34 -7.44
N GLY A 445 -0.17 -26.49 -6.80
CA GLY A 445 -0.95 -27.68 -7.15
C GLY A 445 -1.79 -28.21 -6.03
N MET A 446 -1.28 -29.14 -5.24
CA MET A 446 -0.02 -29.84 -5.49
C MET A 446 -0.13 -31.12 -4.68
N PRO A 447 -0.44 -32.24 -5.33
CA PRO A 447 -0.82 -33.48 -4.65
C PRO A 447 0.19 -33.98 -3.62
N GLY A 448 -0.31 -34.47 -2.49
CA GLY A 448 0.54 -34.79 -1.34
C GLY A 448 1.67 -35.74 -1.66
N TYR A 449 2.41 -36.13 -0.63
CA TYR A 449 3.54 -37.06 -0.76
C TYR A 449 3.13 -38.42 -1.34
N ASN A 450 1.95 -38.90 -0.96
CA ASN A 450 1.50 -40.23 -1.36
C ASN A 450 0.95 -40.34 -2.79
N SER A 451 0.26 -39.31 -3.24
CA SER A 451 -0.15 -39.22 -4.65
C SER A 451 1.09 -39.43 -5.52
N TRP A 452 2.16 -38.73 -5.17
CA TRP A 452 3.38 -38.77 -5.97
C TRP A 452 4.23 -40.00 -5.70
N ARG A 453 4.02 -40.65 -4.55
CA ARG A 453 4.63 -41.96 -4.31
C ARG A 453 3.98 -42.98 -5.25
N GLY A 454 2.68 -42.80 -5.49
CA GLY A 454 1.91 -43.70 -6.34
C GLY A 454 2.23 -43.52 -7.83
N PHE A 455 2.46 -42.28 -8.23
CA PHE A 455 2.87 -41.94 -9.59
C PHE A 455 4.07 -42.80 -10.01
N CYS A 456 5.01 -42.98 -9.08
CA CYS A 456 6.22 -43.75 -9.36
C CYS A 456 6.07 -45.23 -9.04
N GLY A 457 4.91 -45.61 -8.50
CA GLY A 457 4.64 -47.00 -8.13
C GLY A 457 5.51 -47.44 -6.97
N LEU A 458 5.56 -46.60 -5.94
CA LEU A 458 6.28 -46.88 -4.70
C LEU A 458 5.30 -47.00 -3.54
N SER A 459 5.75 -47.62 -2.44
CA SER A 459 4.94 -47.77 -1.24
C SER A 459 4.41 -46.42 -0.78
N GLN A 460 3.11 -46.32 -0.65
CA GLN A 460 2.49 -45.16 -0.12
C GLN A 460 2.24 -45.55 1.32
N PRO A 461 2.80 -44.86 2.29
CA PRO A 461 2.70 -45.33 3.65
C PRO A 461 1.32 -45.10 4.17
N LYS A 462 1.15 -44.92 5.46
CA LYS A 462 -0.19 -44.87 6.05
C LYS A 462 -0.09 -44.63 7.53
N THR A 463 1.00 -45.11 8.11
CA THR A 463 1.17 -45.18 9.55
C THR A 463 2.53 -44.65 9.97
N LEU A 464 2.66 -44.34 11.27
CA LEU A 464 3.89 -43.84 11.85
C LEU A 464 5.09 -44.75 11.53
N LYS A 465 4.84 -46.05 11.47
CA LYS A 465 5.89 -47.03 11.14
C LYS A 465 5.99 -47.28 9.63
N GLY A 466 4.87 -47.10 8.92
CA GLY A 466 4.85 -47.19 7.46
C GLY A 466 5.71 -46.10 6.83
N LEU A 467 6.03 -45.08 7.63
CA LEU A 467 6.93 -44.01 7.21
C LEU A 467 8.33 -44.26 7.77
N GLN A 468 8.40 -44.81 8.99
CA GLN A 468 9.67 -45.14 9.67
C GLN A 468 10.63 -45.95 8.81
N ALA A 469 10.09 -46.95 8.15
CA ALA A 469 10.81 -47.84 7.32
C ALA A 469 10.96 -47.36 5.91
N VAL A 470 10.46 -46.17 5.59
CA VAL A 470 10.63 -45.57 4.28
C VAL A 470 11.70 -44.51 4.33
N LEU A 471 11.76 -43.74 5.42
CA LEU A 471 12.77 -42.71 5.60
C LEU A 471 13.91 -43.15 6.48
N LYS A 472 13.79 -44.32 7.06
CA LYS A 472 14.80 -44.94 7.92
C LYS A 472 15.23 -43.99 9.04
N ASN A 473 14.24 -43.39 9.68
CA ASN A 473 14.44 -42.47 10.79
C ASN A 473 13.16 -42.43 11.63
N LYS A 474 13.27 -42.84 12.89
CA LYS A 474 12.10 -42.88 13.79
C LYS A 474 11.71 -41.50 14.30
N VAL A 475 12.70 -40.65 14.57
CA VAL A 475 12.46 -39.28 15.06
C VAL A 475 11.87 -38.38 13.96
N LEU A 476 12.40 -38.50 12.73
CA LEU A 476 11.89 -37.73 11.59
C LEU A 476 10.47 -38.15 11.21
N ALA A 477 10.16 -39.44 11.36
CA ALA A 477 8.81 -39.93 11.10
C ALA A 477 7.81 -39.31 12.06
N LYS A 478 8.15 -39.30 13.35
CA LYS A 478 7.35 -38.64 14.40
C LYS A 478 7.10 -37.19 14.05
N LYS A 479 8.20 -36.46 13.86
CA LYS A 479 8.16 -35.03 13.60
C LYS A 479 7.28 -34.70 12.41
N LEU A 480 7.36 -35.54 11.37
CA LEU A 480 6.64 -35.31 10.13
C LEU A 480 5.12 -35.46 10.29
N LEU A 481 4.67 -36.53 10.92
CA LEU A 481 3.24 -36.70 11.12
C LEU A 481 2.72 -36.24 12.48
N ASP A 482 3.57 -35.57 13.25
CA ASP A 482 3.11 -34.81 14.42
C ASP A 482 2.46 -33.51 13.96
N LEU A 483 2.83 -33.04 12.78
CA LEU A 483 2.35 -31.81 12.18
C LEU A 483 1.35 -32.05 11.06
N TYR A 484 1.67 -33.00 10.18
CA TYR A 484 0.84 -33.36 9.02
C TYR A 484 -0.30 -34.29 9.33
N LYS A 485 -0.05 -35.21 10.27
CA LYS A 485 -0.96 -36.09 10.93
C LYS A 485 -1.38 -37.31 10.16
N THR A 486 -1.16 -37.28 8.86
CA THR A 486 -1.35 -38.45 8.03
C THR A 486 -0.33 -38.29 6.95
N PRO A 487 0.35 -39.34 6.59
CA PRO A 487 1.38 -39.29 5.55
C PRO A 487 0.90 -38.60 4.26
N ASP A 488 -0.41 -38.64 4.02
CA ASP A 488 -1.03 -38.05 2.83
C ASP A 488 -0.76 -36.56 2.64
N ASN A 489 -0.80 -35.80 3.73
CA ASN A 489 -0.76 -34.34 3.64
C ASN A 489 0.62 -33.69 3.55
N ILE A 490 1.66 -34.50 3.74
CA ILE A 490 3.04 -34.03 3.61
C ILE A 490 3.22 -33.42 2.24
N ASP A 491 3.67 -32.16 2.20
CA ASP A 491 4.00 -31.47 0.94
C ASP A 491 5.19 -32.18 0.28
N ILE A 492 5.21 -32.29 -1.05
CA ILE A 492 6.26 -33.06 -1.71
C ILE A 492 7.65 -32.60 -1.24
N TRP A 493 7.91 -31.31 -1.36
CA TRP A 493 9.24 -30.79 -1.15
C TRP A 493 9.90 -31.43 0.07
N ILE A 494 9.21 -31.38 1.21
CA ILE A 494 9.76 -31.96 2.43
C ILE A 494 9.67 -33.49 2.42
N GLY A 495 8.52 -34.03 2.01
CA GLY A 495 8.32 -35.49 1.94
C GLY A 495 9.33 -36.20 1.07
N GLY A 496 9.61 -35.60 -0.09
CA GLY A 496 10.60 -36.12 -1.03
C GLY A 496 12.02 -35.98 -0.52
N ASN A 497 12.36 -34.80 0.00
CA ASN A 497 13.69 -34.52 0.54
C ASN A 497 14.00 -35.26 1.84
N ALA A 498 12.98 -35.81 2.47
CA ALA A 498 13.13 -36.50 3.75
C ALA A 498 13.65 -37.92 3.60
N GLU A 499 13.47 -38.50 2.43
CA GLU A 499 13.93 -39.85 2.11
C GLU A 499 15.46 -39.93 2.10
N PRO A 500 16.03 -41.10 2.45
CA PRO A 500 17.47 -41.28 2.29
C PRO A 500 17.84 -41.40 0.81
N MET A 501 19.12 -41.22 0.49
CA MET A 501 19.55 -41.12 -0.89
C MET A 501 19.75 -42.47 -1.57
N VAL A 502 19.35 -42.56 -2.84
CA VAL A 502 19.62 -43.73 -3.68
C VAL A 502 21.12 -43.90 -3.95
N GLU A 503 21.57 -45.15 -4.03
CA GLU A 503 22.98 -45.49 -4.15
C GLU A 503 23.73 -44.73 -5.25
N ARG A 504 24.85 -44.12 -4.86
CA ARG A 504 25.68 -43.29 -5.75
C ARG A 504 24.94 -42.12 -6.41
N GLY A 505 24.09 -41.45 -5.64
CA GLY A 505 23.36 -40.27 -6.10
C GLY A 505 23.21 -39.22 -5.00
N ARG A 506 22.36 -38.23 -5.26
CA ARG A 506 22.13 -37.16 -4.28
C ARG A 506 20.65 -36.94 -3.96
N VAL A 507 19.78 -37.71 -4.60
CA VAL A 507 18.35 -37.66 -4.31
C VAL A 507 17.86 -39.05 -3.98
N GLY A 508 16.57 -39.17 -3.61
CA GLY A 508 16.02 -40.45 -3.16
C GLY A 508 15.10 -41.11 -4.17
N PRO A 509 14.52 -42.26 -3.79
CA PRO A 509 13.62 -43.06 -4.62
C PRO A 509 12.58 -42.21 -5.35
N LEU A 510 11.77 -41.46 -4.60
CA LEU A 510 10.75 -40.63 -5.25
C LEU A 510 11.37 -39.56 -6.16
N LEU A 511 12.30 -38.77 -5.63
CA LEU A 511 12.86 -37.65 -6.39
C LEU A 511 13.65 -38.06 -7.62
N ALA A 512 14.37 -39.18 -7.54
CA ALA A 512 15.03 -39.78 -8.71
C ALA A 512 14.02 -40.02 -9.84
N CYS A 513 12.82 -40.43 -9.45
CA CYS A 513 11.75 -40.73 -10.38
C CYS A 513 11.21 -39.48 -11.07
N LEU A 514 10.72 -38.52 -10.28
CA LEU A 514 10.19 -37.26 -10.81
C LEU A 514 11.22 -36.52 -11.65
N LEU A 515 12.47 -36.47 -11.16
CA LEU A 515 13.56 -35.80 -11.87
C LEU A 515 13.94 -36.54 -13.13
N GLY A 516 14.14 -37.86 -13.01
CA GLY A 516 14.49 -38.69 -14.16
C GLY A 516 13.54 -38.59 -15.33
N ARG A 517 12.24 -38.68 -15.05
CA ARG A 517 11.22 -38.61 -16.09
C ARG A 517 11.32 -37.33 -16.91
N GLN A 518 11.30 -36.18 -16.22
CA GLN A 518 11.37 -34.89 -16.89
C GLN A 518 12.58 -34.80 -17.81
N PHE A 519 13.75 -35.14 -17.28
CA PHE A 519 15.00 -34.99 -18.02
C PHE A 519 15.05 -35.86 -19.27
N GLN A 520 14.37 -37.01 -19.21
CA GLN A 520 14.22 -37.91 -20.36
C GLN A 520 13.27 -37.31 -21.41
N GLN A 521 12.14 -36.78 -20.94
CA GLN A 521 11.17 -36.12 -21.80
C GLN A 521 11.74 -34.93 -22.56
N ILE A 522 12.53 -34.11 -21.85
CA ILE A 522 13.11 -32.90 -22.45
C ILE A 522 14.24 -33.20 -23.44
N ARG A 523 14.84 -34.39 -23.29
CA ARG A 523 15.80 -34.89 -24.26
C ARG A 523 15.10 -35.55 -25.45
N ASP A 524 14.23 -36.52 -25.18
CA ASP A 524 13.51 -37.26 -26.23
C ASP A 524 12.57 -36.38 -27.06
N GLY A 525 12.21 -35.21 -26.54
CA GLY A 525 11.24 -34.33 -27.20
C GLY A 525 11.82 -33.12 -27.89
N ASP A 526 13.09 -32.83 -27.60
CA ASP A 526 13.79 -31.69 -28.18
C ASP A 526 14.28 -32.08 -29.56
N ARG A 527 13.80 -31.36 -30.57
CA ARG A 527 14.16 -31.63 -31.97
C ARG A 527 15.61 -31.23 -32.25
N PHE A 528 16.17 -30.37 -31.41
CA PHE A 528 17.50 -29.81 -31.63
C PHE A 528 18.57 -30.36 -30.67
N TRP A 529 18.23 -31.42 -29.96
CA TRP A 529 19.21 -32.16 -29.15
C TRP A 529 20.43 -32.46 -30.03
N TRP A 530 21.61 -32.34 -29.43
CA TRP A 530 22.88 -32.39 -30.16
C TRP A 530 23.18 -33.75 -30.82
N GLU A 531 22.50 -34.80 -30.34
CA GLU A 531 22.73 -36.16 -30.81
C GLU A 531 21.77 -36.61 -31.91
N ASN A 532 20.66 -35.91 -32.06
CA ASN A 532 19.73 -36.18 -33.15
C ASN A 532 20.40 -35.87 -34.49
N PRO A 533 20.38 -36.83 -35.43
CA PRO A 533 20.89 -36.58 -36.77
C PRO A 533 20.22 -35.38 -37.44
N GLY A 534 21.03 -34.46 -38.00
CA GLY A 534 20.50 -33.30 -38.72
C GLY A 534 20.96 -31.94 -38.21
N VAL A 535 21.12 -31.81 -36.90
CA VAL A 535 21.43 -30.53 -36.26
C VAL A 535 22.94 -30.20 -36.18
N PHE A 536 23.78 -31.24 -36.13
CA PHE A 536 25.25 -31.10 -36.17
C PHE A 536 25.87 -32.08 -37.16
N THR A 537 26.88 -31.67 -37.87
CA THR A 537 27.54 -32.54 -38.81
C THR A 537 28.27 -33.55 -38.02
N GLU A 538 28.42 -34.73 -38.54
CA GLU A 538 28.94 -35.83 -37.77
C GLU A 538 30.29 -35.54 -37.19
N LYS A 539 31.09 -34.75 -37.85
CA LYS A 539 32.37 -34.25 -37.34
C LYS A 539 32.20 -33.35 -36.12
N GLN A 540 31.26 -32.40 -36.21
CA GLN A 540 31.02 -31.39 -35.16
C GLN A 540 30.77 -32.03 -33.80
N ARG A 541 30.02 -33.13 -33.80
CA ARG A 541 29.70 -33.86 -32.57
C ARG A 541 30.95 -34.34 -31.84
N ASP A 542 31.90 -34.88 -32.60
CA ASP A 542 33.14 -35.44 -32.03
C ASP A 542 34.01 -34.39 -31.35
N SER A 543 33.93 -33.16 -31.85
CA SER A 543 34.56 -32.02 -31.20
C SER A 543 33.75 -31.61 -29.97
N LEU A 544 32.42 -31.67 -30.10
CA LEU A 544 31.53 -31.28 -29.01
C LEU A 544 31.67 -32.21 -27.82
N GLN A 545 32.12 -33.44 -28.08
CA GLN A 545 32.34 -34.43 -27.03
C GLN A 545 33.53 -34.08 -26.15
N LYS A 546 34.51 -33.40 -26.74
CA LYS A 546 35.77 -33.06 -26.07
C LYS A 546 35.61 -31.97 -25.00
N VAL A 547 34.47 -31.28 -25.00
CA VAL A 547 34.25 -30.17 -24.07
C VAL A 547 34.09 -30.62 -22.62
N SER A 548 34.34 -29.68 -21.70
CA SER A 548 34.14 -29.85 -20.26
C SER A 548 33.94 -28.46 -19.61
N PHE A 549 33.50 -28.43 -18.35
CA PHE A 549 33.40 -27.17 -17.62
C PHE A 549 34.81 -26.72 -17.29
N SER A 550 35.64 -27.70 -16.97
CA SER A 550 37.06 -27.49 -16.74
C SER A 550 37.67 -26.58 -17.82
N ARG A 551 37.27 -26.77 -19.08
CA ARG A 551 37.68 -25.86 -20.17
C ARG A 551 36.89 -24.55 -20.21
N LEU A 552 35.60 -24.59 -19.84
CA LEU A 552 34.80 -23.37 -19.84
C LEU A 552 35.56 -22.27 -19.11
N ILE A 553 36.36 -22.69 -18.13
CA ILE A 553 37.11 -21.75 -17.29
C ILE A 553 38.54 -21.46 -17.78
N CYS A 554 39.14 -22.40 -18.48
CA CYS A 554 40.49 -22.21 -19.03
C CYS A 554 40.53 -21.24 -20.20
N ASP A 555 39.41 -21.11 -20.91
CA ASP A 555 39.31 -20.24 -22.08
C ASP A 555 38.79 -18.84 -21.72
N ASN A 556 38.28 -18.71 -20.50
CA ASN A 556 37.55 -17.50 -20.11
C ASN A 556 37.93 -16.90 -18.75
N THR A 557 39.02 -17.37 -18.17
CA THR A 557 39.56 -16.83 -16.91
C THR A 557 41.08 -16.95 -16.88
N HIS A 558 41.70 -16.44 -15.82
CA HIS A 558 43.14 -16.56 -15.63
C HIS A 558 43.53 -17.58 -14.54
N ILE A 559 42.59 -18.49 -14.27
CA ILE A 559 42.88 -19.70 -13.50
C ILE A 559 43.57 -20.70 -14.43
N THR A 560 44.70 -21.23 -13.98
CA THR A 560 45.58 -22.02 -14.82
C THR A 560 45.89 -23.39 -14.23
N LYS A 561 45.40 -23.61 -13.00
CA LYS A 561 45.38 -24.92 -12.36
C LYS A 561 43.92 -25.29 -12.06
N VAL A 562 43.45 -26.39 -12.66
CA VAL A 562 42.05 -26.83 -12.53
C VAL A 562 41.93 -28.35 -12.37
N PRO A 563 40.81 -28.84 -11.80
CA PRO A 563 40.64 -30.28 -11.74
C PRO A 563 40.23 -30.82 -13.09
N LEU A 564 40.49 -32.12 -13.30
CA LEU A 564 40.11 -32.77 -14.54
C LEU A 564 38.65 -33.22 -14.45
N HIS A 565 38.16 -33.31 -13.21
CA HIS A 565 36.75 -33.59 -12.95
C HIS A 565 36.24 -32.53 -11.98
N ALA A 566 35.58 -31.51 -12.53
CA ALA A 566 35.21 -30.33 -11.76
C ALA A 566 33.97 -30.53 -10.89
N PHE A 567 33.29 -31.66 -11.05
CA PHE A 567 32.06 -31.91 -10.30
C PHE A 567 32.21 -32.74 -9.03
N GLN A 568 33.42 -33.23 -8.77
CA GLN A 568 33.64 -34.04 -7.58
C GLN A 568 34.74 -33.45 -6.71
N ALA A 569 34.67 -33.76 -5.41
CA ALA A 569 35.56 -33.17 -4.41
C ALA A 569 37.01 -33.66 -4.56
N ASN A 570 37.87 -32.72 -4.93
CA ASN A 570 39.29 -32.97 -5.08
C ASN A 570 40.13 -31.78 -4.58
N ASN A 571 41.38 -32.05 -4.22
CA ASN A 571 42.20 -31.09 -3.48
C ASN A 571 43.38 -30.49 -4.22
N TYR A 572 43.64 -29.23 -3.93
CA TYR A 572 44.85 -28.54 -4.39
C TYR A 572 45.96 -28.76 -3.34
N PRO A 573 47.19 -29.05 -3.79
CA PRO A 573 47.65 -29.05 -5.18
C PRO A 573 47.37 -30.33 -5.97
N HIS A 574 47.23 -31.46 -5.27
CA HIS A 574 47.31 -32.78 -5.90
C HIS A 574 46.41 -33.00 -7.11
N ASP A 575 45.10 -32.95 -6.90
CA ASP A 575 44.12 -33.28 -7.92
C ASP A 575 44.01 -32.25 -9.04
N PHE A 576 44.68 -31.11 -8.85
CA PHE A 576 44.65 -30.02 -9.81
C PHE A 576 45.83 -30.06 -10.78
N VAL A 577 45.52 -29.79 -12.05
CA VAL A 577 46.48 -29.87 -13.15
C VAL A 577 46.42 -28.62 -14.03
N ASP A 578 47.40 -28.48 -14.92
CA ASP A 578 47.47 -27.33 -15.83
C ASP A 578 46.43 -27.42 -16.96
N CYS A 579 45.94 -26.26 -17.40
CA CYS A 579 44.96 -26.16 -18.49
C CYS A 579 45.40 -26.91 -19.75
N SER A 580 46.72 -27.02 -19.93
CA SER A 580 47.31 -27.67 -21.09
C SER A 580 46.85 -29.11 -21.28
N ALA A 581 46.78 -29.87 -20.18
CA ALA A 581 46.39 -31.29 -20.22
C ALA A 581 44.88 -31.51 -20.35
N VAL A 582 44.13 -30.41 -20.48
CA VAL A 582 42.68 -30.46 -20.60
C VAL A 582 42.26 -30.27 -22.06
N ASP A 583 41.46 -31.22 -22.56
CA ASP A 583 41.00 -31.23 -23.95
C ASP A 583 40.29 -29.93 -24.35
N LYS A 584 40.72 -29.38 -25.48
CA LYS A 584 40.15 -28.15 -26.03
C LYS A 584 38.99 -28.46 -26.98
N LEU A 585 38.22 -27.42 -27.32
CA LEU A 585 37.13 -27.54 -28.29
C LEU A 585 37.62 -27.19 -29.68
N ASP A 586 37.77 -28.21 -30.53
CA ASP A 586 38.24 -28.02 -31.90
C ASP A 586 37.12 -27.49 -32.78
N LEU A 587 37.20 -26.22 -33.15
CA LEU A 587 36.14 -25.57 -33.91
C LEU A 587 36.32 -25.64 -35.43
N SER A 588 37.31 -26.40 -35.89
CA SER A 588 37.60 -26.50 -37.33
C SER A 588 36.41 -26.94 -38.22
N PRO A 589 35.66 -28.00 -37.82
CA PRO A 589 34.57 -28.50 -38.67
C PRO A 589 33.45 -27.49 -38.97
N TRP A 590 33.52 -26.31 -38.36
CA TRP A 590 32.49 -25.31 -38.50
C TRP A 590 32.82 -24.31 -39.61
N ALA A 591 33.91 -24.58 -40.32
CA ALA A 591 34.36 -23.73 -41.43
C ALA A 591 33.78 -24.18 -42.76
N SER A 592 33.33 -23.21 -43.56
CA SER A 592 32.61 -23.49 -44.79
C SER A 592 33.02 -22.56 -45.92
N ARG A 593 34.32 -22.55 -46.23
CA ARG A 593 34.87 -21.76 -47.33
C ARG A 593 33.94 -21.83 -48.55
N GLU A 594 33.46 -20.67 -49.00
CA GLU A 594 32.34 -20.58 -49.95
C GLU A 594 32.46 -21.31 -51.30
N ASN A 595 33.54 -21.06 -52.04
CA ASN A 595 33.69 -21.71 -53.36
C ASN A 595 34.50 -23.01 -53.30
N SER B 1 -27.93 2.66 -6.31
CA SER B 1 -28.95 1.93 -5.49
C SER B 1 -28.71 0.41 -5.48
N TRP B 2 -29.45 -0.27 -4.60
CA TRP B 2 -29.38 -1.73 -4.40
C TRP B 2 -28.05 -2.29 -3.87
N GLU B 3 -27.29 -1.36 -3.27
CA GLU B 3 -26.22 -1.67 -2.35
C GLU B 3 -26.51 -0.77 -1.15
N VAL B 4 -27.65 -1.06 -0.52
CA VAL B 4 -28.19 -0.26 0.56
C VAL B 4 -27.50 -0.21 1.90
N GLY B 5 -27.12 -1.37 2.39
CA GLY B 5 -26.52 -1.51 3.71
C GLY B 5 -25.03 -1.75 3.86
N CYS B 6 -24.22 -1.62 2.79
CA CYS B 6 -22.81 -1.95 2.90
C CYS B 6 -22.50 -1.05 4.04
N GLY B 7 -21.96 -1.60 5.13
CA GLY B 7 -21.75 -0.83 6.34
C GLY B 7 -20.74 -1.39 7.32
N ALA B 8 -20.19 -0.53 8.17
CA ALA B 8 -19.18 -0.90 9.16
C ALA B 8 -19.26 -0.10 10.46
N PRO B 9 -20.39 0.54 10.69
CA PRO B 9 -20.68 1.52 11.73
C PRO B 9 -20.74 0.99 13.12
N VAL B 10 -20.40 1.80 14.10
CA VAL B 10 -20.44 1.25 15.42
C VAL B 10 -21.88 0.88 15.76
N PRO B 11 -22.03 -0.45 15.80
CA PRO B 11 -23.26 -1.18 16.01
C PRO B 11 -23.51 -1.51 17.46
N LEU B 12 -24.42 -2.42 17.67
CA LEU B 12 -24.88 -2.81 18.97
C LEU B 12 -25.72 -1.69 19.51
N VAL B 13 -26.56 -1.14 18.65
CA VAL B 13 -27.54 -0.17 19.08
C VAL B 13 -28.96 -0.52 18.73
N THR B 14 -29.83 -0.61 19.73
CA THR B 14 -31.26 -0.81 19.46
C THR B 14 -32.09 0.24 20.19
N CYS B 15 -33.35 0.39 19.75
CA CYS B 15 -34.14 1.56 20.11
C CYS B 15 -35.15 1.36 21.23
N ASP B 16 -35.12 2.29 22.18
CA ASP B 16 -36.18 2.44 23.17
C ASP B 16 -37.10 3.54 22.66
N GLU B 17 -38.18 3.12 22.00
CA GLU B 17 -39.09 4.02 21.28
C GLU B 17 -39.79 5.01 22.20
N GLN B 18 -39.53 4.90 23.50
CA GLN B 18 -40.21 5.72 24.51
C GLN B 18 -39.25 6.51 25.42
N SER B 19 -38.01 6.68 24.98
CA SER B 19 -37.06 7.52 25.72
C SER B 19 -37.25 9.00 25.39
N PRO B 20 -37.09 9.88 26.40
CA PRO B 20 -37.17 11.33 26.15
C PRO B 20 -35.86 11.94 25.65
N TYR B 21 -34.84 11.10 25.44
CA TYR B 21 -33.50 11.60 25.11
C TYR B 21 -32.94 11.09 23.79
N ARG B 22 -32.10 11.91 23.17
CA ARG B 22 -31.37 11.53 21.95
C ARG B 22 -30.35 10.45 22.29
N THR B 23 -30.09 9.55 21.33
CA THR B 23 -28.95 8.63 21.45
C THR B 23 -27.66 9.39 21.14
N ILE B 24 -26.56 8.98 21.75
CA ILE B 24 -25.27 9.61 21.48
C ILE B 24 -24.88 9.42 20.01
N THR B 25 -25.06 8.19 19.52
CA THR B 25 -24.69 7.81 18.15
C THR B 25 -25.54 8.49 17.08
N GLY B 26 -26.72 8.95 17.49
CA GLY B 26 -27.66 9.60 16.58
C GLY B 26 -28.77 8.67 16.12
N ASP B 27 -28.64 7.38 16.48
CA ASP B 27 -29.63 6.38 16.11
C ASP B 27 -31.00 6.61 16.74
N CYS B 28 -32.03 5.98 16.16
CA CYS B 28 -33.40 5.95 16.72
C CYS B 28 -34.18 7.24 16.62
N ASN B 29 -33.63 8.23 15.93
CA ASN B 29 -34.31 9.50 15.70
C ASN B 29 -35.47 9.22 14.77
N ASN B 30 -35.14 8.73 13.58
CA ASN B 30 -36.12 8.31 12.62
C ASN B 30 -36.55 6.88 12.96
N ARG B 31 -37.83 6.73 13.33
CA ARG B 31 -38.37 5.44 13.78
C ARG B 31 -38.54 4.45 12.64
N ARG B 32 -38.98 4.97 11.50
CA ARG B 32 -39.20 4.20 10.28
C ARG B 32 -37.88 3.62 9.77
N SER B 33 -36.84 4.47 9.74
CA SER B 33 -35.49 4.10 9.31
C SER B 33 -34.47 4.62 10.33
N PRO B 34 -34.07 3.76 11.29
CA PRO B 34 -33.37 4.17 12.53
C PRO B 34 -31.92 4.63 12.37
N ALA B 35 -31.27 4.24 11.27
CA ALA B 35 -29.89 4.64 11.04
C ALA B 35 -29.75 6.04 10.42
N LEU B 36 -30.85 6.60 9.91
CA LEU B 36 -30.83 7.92 9.25
C LEU B 36 -30.32 9.00 10.19
N GLY B 37 -29.13 9.51 9.87
CA GLY B 37 -28.52 10.62 10.60
C GLY B 37 -27.54 10.22 11.69
N ALA B 38 -27.14 8.95 11.71
CA ALA B 38 -26.18 8.46 12.70
C ALA B 38 -24.73 8.69 12.26
N ALA B 39 -23.80 8.62 13.21
CA ALA B 39 -22.38 8.86 12.96
C ALA B 39 -21.68 7.66 12.33
N ASN B 40 -20.62 7.93 11.55
CA ASN B 40 -19.77 6.90 10.93
C ASN B 40 -20.39 6.19 9.73
N ARG B 41 -21.30 6.88 9.03
CA ARG B 41 -21.91 6.35 7.82
C ARG B 41 -21.70 7.29 6.63
N ALA B 42 -22.00 6.80 5.43
CA ALA B 42 -21.83 7.56 4.19
C ALA B 42 -22.51 8.92 4.22
N LEU B 43 -21.85 9.91 3.64
CA LEU B 43 -22.49 11.19 3.36
C LEU B 43 -23.53 10.99 2.25
N ALA B 44 -24.71 11.58 2.45
CA ALA B 44 -25.77 11.54 1.44
C ALA B 44 -25.30 12.11 0.11
N ARG B 45 -25.86 11.65 -1.00
CA ARG B 45 -25.57 12.25 -2.30
C ARG B 45 -26.83 12.73 -3.02
N TRP B 46 -26.92 14.05 -3.18
CA TRP B 46 -28.03 14.69 -3.90
C TRP B 46 -27.87 14.55 -5.42
N LEU B 47 -26.65 14.31 -5.89
CA LEU B 47 -26.35 14.06 -7.31
C LEU B 47 -25.29 12.96 -7.41
N PRO B 48 -25.31 12.19 -8.51
CA PRO B 48 -24.37 11.09 -8.70
C PRO B 48 -22.92 11.54 -8.66
N ALA B 49 -22.07 10.74 -8.01
CA ALA B 49 -20.64 11.04 -7.87
C ALA B 49 -19.95 11.24 -9.21
N GLU B 50 -18.86 11.98 -9.21
CA GLU B 50 -18.08 12.16 -10.44
C GLU B 50 -16.61 11.87 -10.24
N TYR B 51 -16.15 10.82 -10.91
CA TYR B 51 -14.76 10.48 -10.82
C TYR B 51 -14.15 10.16 -12.17
N GLU B 52 -12.84 10.04 -12.14
CA GLU B 52 -12.06 9.77 -13.34
C GLU B 52 -12.38 8.41 -13.94
N ASP B 53 -12.40 7.39 -13.11
CA ASP B 53 -12.65 6.04 -13.56
C ASP B 53 -14.10 5.66 -13.34
N GLY B 54 -14.88 6.57 -12.79
CA GLY B 54 -16.28 6.37 -12.53
C GLY B 54 -16.50 5.65 -11.22
N LEU B 55 -15.41 5.33 -10.55
CA LEU B 55 -15.49 4.65 -9.26
C LEU B 55 -14.85 5.43 -8.13
N ALA B 56 -13.57 5.15 -7.88
CA ALA B 56 -12.84 5.82 -6.81
C ALA B 56 -11.64 6.68 -7.19
N VAL B 57 -11.40 6.94 -8.48
CA VAL B 57 -10.22 7.71 -8.83
C VAL B 57 -10.60 9.17 -9.11
N PRO B 58 -9.99 10.11 -8.36
CA PRO B 58 -10.30 11.54 -8.48
C PRO B 58 -9.87 12.14 -9.82
N PHE B 59 -10.47 13.27 -10.19
CA PHE B 59 -10.02 14.03 -11.38
C PHE B 59 -8.72 14.74 -11.05
N GLY B 60 -7.73 14.60 -11.93
CA GLY B 60 -6.40 15.16 -11.71
C GLY B 60 -5.35 14.12 -11.36
N TRP B 61 -5.80 12.96 -10.88
CA TRP B 61 -4.95 11.83 -10.51
C TRP B 61 -4.03 11.43 -11.68
N THR B 62 -4.64 10.99 -12.79
CA THR B 62 -3.90 10.59 -13.98
C THR B 62 -3.75 11.78 -14.93
N GLN B 63 -2.59 11.89 -15.58
CA GLN B 63 -2.24 13.03 -16.45
C GLN B 63 -2.85 13.01 -17.85
N ARG B 64 -2.98 11.82 -18.44
CA ARG B 64 -3.56 11.69 -19.79
C ARG B 64 -5.06 12.03 -19.81
N LYS B 65 -5.74 11.80 -18.68
CA LYS B 65 -7.19 11.96 -18.61
C LYS B 65 -7.61 13.43 -18.56
N THR B 66 -8.81 13.70 -19.04
CA THR B 66 -9.37 15.05 -19.00
C THR B 66 -10.81 15.02 -18.51
N ARG B 67 -11.18 16.05 -17.76
CA ARG B 67 -12.57 16.28 -17.40
C ARG B 67 -13.18 17.18 -18.49
N ASN B 68 -14.16 16.66 -19.18
CA ASN B 68 -14.85 17.37 -20.23
C ASN B 68 -14.00 17.86 -21.37
N GLY B 69 -12.91 17.18 -21.65
CA GLY B 69 -12.01 17.52 -22.71
C GLY B 69 -10.83 18.38 -22.39
N PHE B 70 -10.68 18.80 -21.13
CA PHE B 70 -9.55 19.61 -20.67
C PHE B 70 -9.04 19.09 -19.33
N ARG B 71 -7.76 19.31 -19.07
CA ARG B 71 -7.16 18.96 -17.79
C ARG B 71 -7.74 19.82 -16.69
N VAL B 72 -7.83 19.25 -15.49
CA VAL B 72 -8.04 20.04 -14.28
C VAL B 72 -6.78 20.86 -14.03
N PRO B 73 -6.92 22.11 -13.56
CA PRO B 73 -5.72 22.82 -13.14
C PRO B 73 -5.25 22.31 -11.79
N LEU B 74 -3.97 22.51 -11.49
CA LEU B 74 -3.40 22.11 -10.21
C LEU B 74 -4.17 22.76 -9.05
N ALA B 75 -4.16 22.09 -7.89
CA ALA B 75 -4.85 22.62 -6.72
C ALA B 75 -4.27 23.97 -6.29
N ARG B 76 -2.95 24.04 -6.16
CA ARG B 76 -2.27 25.25 -5.69
C ARG B 76 -1.93 26.26 -6.80
N GLU B 77 -2.49 26.09 -8.00
CA GLU B 77 -2.35 27.13 -9.01
C GLU B 77 -3.62 27.95 -9.07
N VAL B 78 -4.73 27.41 -8.59
CA VAL B 78 -5.98 28.14 -8.46
C VAL B 78 -5.75 28.97 -7.19
N SER B 79 -5.17 28.32 -6.19
CA SER B 79 -4.84 28.98 -4.95
C SER B 79 -3.86 30.11 -5.22
N ASN B 80 -2.89 29.92 -6.12
CA ASN B 80 -2.00 31.00 -6.37
C ASN B 80 -2.53 32.18 -7.16
N LYS B 81 -3.22 31.93 -8.27
CA LYS B 81 -3.82 32.98 -9.07
C LYS B 81 -5.06 33.67 -8.55
N ILE B 82 -6.01 32.90 -8.07
CA ILE B 82 -7.29 33.43 -7.69
C ILE B 82 -7.57 33.71 -6.24
N VAL B 83 -7.17 32.83 -5.33
CA VAL B 83 -7.58 32.82 -3.92
C VAL B 83 -6.75 33.70 -2.96
N GLY B 84 -5.46 33.88 -3.27
CA GLY B 84 -4.58 34.68 -2.43
C GLY B 84 -4.66 36.18 -2.64
N TYR B 85 -4.11 36.92 -1.69
CA TYR B 85 -4.01 38.37 -1.76
C TYR B 85 -2.93 38.85 -0.81
N LEU B 86 -2.12 39.79 -1.29
CA LEU B 86 -0.97 40.29 -0.55
C LEU B 86 -1.41 41.24 0.57
N ASP B 87 -2.23 42.23 0.21
CA ASP B 87 -2.70 43.24 1.16
C ASP B 87 -3.61 42.62 2.23
N GLU B 88 -3.82 43.36 3.30
CA GLU B 88 -4.67 42.93 4.41
C GLU B 88 -5.50 44.09 4.93
N GLU B 89 -5.45 45.19 4.21
CA GLU B 89 -6.12 46.43 4.58
C GLU B 89 -7.55 46.50 4.05
N GLY B 90 -8.47 46.86 4.94
CA GLY B 90 -9.88 47.09 4.57
C GLY B 90 -10.65 45.84 4.20
N VAL B 91 -10.17 44.67 4.65
CA VAL B 91 -10.85 43.41 4.39
C VAL B 91 -11.93 43.08 5.40
N LEU B 92 -11.85 43.72 6.57
CA LEU B 92 -12.75 43.46 7.70
C LEU B 92 -14.22 43.66 7.35
N ASP B 93 -15.07 42.79 7.90
CA ASP B 93 -16.52 42.95 7.78
C ASP B 93 -16.93 44.17 8.60
N GLN B 94 -18.00 44.85 8.20
CA GLN B 94 -18.41 46.06 8.90
C GLN B 94 -19.61 45.86 9.81
N ASN B 95 -20.41 44.83 9.56
CA ASN B 95 -21.54 44.49 10.41
C ASN B 95 -21.51 43.03 10.84
N ARG B 96 -20.33 42.47 11.01
CA ARG B 96 -20.21 41.11 11.53
C ARG B 96 -19.05 40.98 12.50
N SER B 97 -19.35 40.50 13.70
CA SER B 97 -18.33 40.25 14.73
C SER B 97 -17.54 39.01 14.40
N LEU B 98 -16.34 38.90 14.97
CA LEU B 98 -15.48 37.71 14.80
C LEU B 98 -16.20 36.44 15.24
N LEU B 99 -17.15 36.61 16.16
CA LEU B 99 -18.01 35.54 16.61
C LEU B 99 -19.03 35.07 15.56
N PHE B 100 -19.14 35.80 14.46
CA PHE B 100 -19.94 35.36 13.32
C PHE B 100 -19.21 34.23 12.58
N MET B 101 -17.89 34.32 12.54
CA MET B 101 -17.02 33.28 12.00
C MET B 101 -16.98 32.06 12.91
N GLN B 102 -16.83 32.29 14.21
CA GLN B 102 -16.69 31.20 15.18
C GLN B 102 -17.88 30.27 15.30
N TRP B 103 -19.09 30.81 15.18
CA TRP B 103 -20.28 29.99 15.31
C TRP B 103 -20.49 29.14 14.07
N GLY B 104 -19.99 29.61 12.94
CA GLY B 104 -20.05 28.83 11.72
C GLY B 104 -19.25 27.56 11.82
N GLN B 105 -18.22 27.59 12.68
CA GLN B 105 -17.28 26.48 12.85
C GLN B 105 -17.72 25.57 13.98
N ILE B 106 -18.40 26.12 14.96
CA ILE B 106 -18.98 25.33 16.02
C ILE B 106 -20.12 24.51 15.44
N VAL B 107 -21.05 25.17 14.74
CA VAL B 107 -22.17 24.50 14.04
C VAL B 107 -21.68 23.51 13.02
N ASP B 108 -20.69 23.90 12.24
CA ASP B 108 -20.08 23.03 11.24
C ASP B 108 -19.60 21.74 11.87
N HIS B 109 -18.83 21.87 12.94
CA HIS B 109 -18.21 20.75 13.61
C HIS B 109 -19.23 19.83 14.24
N ASP B 110 -20.40 20.36 14.55
CA ASP B 110 -21.51 19.55 15.07
C ASP B 110 -22.08 18.61 14.01
N LEU B 111 -22.01 19.04 12.75
CA LEU B 111 -22.69 18.34 11.67
C LEU B 111 -21.82 17.39 10.82
N ASP B 112 -20.58 17.78 10.53
CA ASP B 112 -19.73 16.97 9.63
C ASP B 112 -18.27 16.71 10.03
N PHE B 113 -17.82 15.51 9.72
CA PHE B 113 -16.42 15.13 9.85
C PHE B 113 -16.16 13.93 8.95
N ALA B 114 -15.53 14.18 7.81
CA ALA B 114 -15.03 13.10 6.98
C ALA B 114 -13.58 12.88 7.40
N PRO B 115 -13.33 11.84 8.17
CA PRO B 115 -12.04 11.66 8.79
C PRO B 115 -11.04 11.16 7.77
N GLU B 116 -9.80 11.58 7.89
CA GLU B 116 -8.80 11.31 6.92
C GLU B 116 -8.50 9.87 7.02
N THR B 117 -7.76 9.42 6.03
CA THR B 117 -7.55 8.07 5.67
C THR B 117 -6.75 7.47 6.73
N GLU B 118 -6.72 6.16 6.78
CA GLU B 118 -6.27 5.44 7.95
C GLU B 118 -5.01 6.00 8.43
N LEU B 119 -4.91 6.27 9.73
CA LEU B 119 -3.65 6.70 10.28
C LEU B 119 -2.93 5.42 10.28
N GLY B 120 -1.78 5.37 9.66
CA GLY B 120 -1.13 4.11 9.49
C GLY B 120 -0.70 3.59 10.82
N SER B 121 -0.63 2.28 10.89
CA SER B 121 0.05 1.59 12.00
C SER B 121 1.56 1.39 11.81
N SER B 122 2.35 1.95 12.71
CA SER B 122 3.81 1.82 12.67
C SER B 122 4.33 2.09 11.25
N GLU B 123 3.81 3.18 10.68
CA GLU B 123 3.93 3.57 9.28
C GLU B 123 5.27 4.01 8.72
N HIS B 124 5.42 3.64 7.45
CA HIS B 124 6.48 4.00 6.55
C HIS B 124 5.80 4.72 5.40
N SER B 125 4.50 4.52 5.25
CA SER B 125 3.71 5.09 4.17
C SER B 125 3.53 6.60 4.23
N LYS B 126 3.44 7.10 5.44
CA LYS B 126 3.23 8.49 5.63
C LYS B 126 4.39 9.11 4.91
N VAL B 127 5.55 8.52 5.03
CA VAL B 127 6.78 9.03 4.48
C VAL B 127 6.91 9.13 2.99
N GLN B 128 6.46 8.15 2.27
CA GLN B 128 6.47 8.16 0.80
C GLN B 128 5.69 9.31 0.19
N CYS B 129 4.64 9.76 0.88
CA CYS B 129 3.88 10.93 0.44
C CYS B 129 4.64 12.20 0.80
N GLU B 130 4.96 12.34 2.08
CA GLU B 130 5.62 13.50 2.64
C GLU B 130 6.91 13.84 1.91
N GLU B 131 7.84 12.88 1.89
CA GLU B 131 9.23 13.15 1.54
C GLU B 131 9.59 12.93 0.09
N TYR B 132 8.84 12.07 -0.60
CA TYR B 132 9.17 11.71 -1.97
C TYR B 132 8.14 12.14 -3.01
N CYS B 133 6.93 12.46 -2.53
CA CYS B 133 5.78 12.87 -3.36
C CYS B 133 5.31 11.76 -4.31
N VAL B 134 5.26 10.54 -3.77
CA VAL B 134 4.88 9.37 -4.53
C VAL B 134 3.39 9.20 -4.46
N GLN B 135 2.71 9.55 -5.55
CA GLN B 135 1.27 9.31 -5.67
C GLN B 135 1.01 7.81 -5.68
N GLY B 136 -0.18 7.44 -5.25
CA GLY B 136 -0.57 6.05 -5.21
C GLY B 136 -1.22 5.67 -3.93
N ASP B 137 -2.22 4.84 -4.02
CA ASP B 137 -3.00 4.50 -2.88
C ASP B 137 -3.70 5.71 -2.38
N GLU B 138 -3.59 5.91 -1.09
CA GLU B 138 -4.32 6.90 -0.37
C GLU B 138 -3.60 8.16 -0.20
N CYS B 139 -2.50 8.29 -0.90
CA CYS B 139 -1.74 9.52 -1.01
C CYS B 139 -1.97 10.16 -2.38
N PHE B 140 -2.68 11.29 -2.38
CA PHE B 140 -3.04 12.05 -3.58
C PHE B 140 -2.39 13.43 -3.48
N PRO B 141 -1.08 13.51 -3.75
CA PRO B 141 -0.31 14.71 -3.44
C PRO B 141 -0.75 15.95 -4.20
N ILE B 142 -0.58 17.10 -3.56
CA ILE B 142 -0.80 18.36 -4.22
C ILE B 142 0.54 18.98 -4.65
N MET B 143 0.73 18.96 -5.97
CA MET B 143 1.95 19.42 -6.64
C MET B 143 2.06 20.92 -6.69
N PHE B 144 3.26 21.42 -6.38
CA PHE B 144 3.53 22.84 -6.52
C PHE B 144 3.73 23.13 -8.00
N PRO B 145 3.04 24.15 -8.52
CA PRO B 145 3.19 24.53 -9.92
C PRO B 145 4.50 25.27 -10.13
N LYS B 146 4.80 25.61 -11.39
CA LYS B 146 5.99 26.39 -11.72
C LYS B 146 5.94 27.78 -11.09
N ASN B 147 7.11 28.25 -10.64
CA ASN B 147 7.25 29.60 -10.07
C ASN B 147 6.54 29.81 -8.71
N ASP B 148 6.52 28.75 -7.90
CA ASP B 148 5.99 28.82 -6.54
C ASP B 148 7.18 28.99 -5.61
N PRO B 149 7.08 29.89 -4.62
CA PRO B 149 8.19 30.08 -3.70
C PRO B 149 8.30 28.97 -2.68
N LYS B 150 7.31 28.08 -2.67
CA LYS B 150 7.33 26.94 -1.78
C LYS B 150 8.23 25.83 -2.30
N LEU B 151 8.45 25.81 -3.61
CA LEU B 151 9.42 24.89 -4.20
C LEU B 151 10.79 25.17 -3.62
N LYS B 152 11.11 26.45 -3.46
CA LYS B 152 12.43 26.86 -3.00
C LYS B 152 12.69 26.58 -1.54
N THR B 153 11.65 26.43 -0.74
CA THR B 153 11.82 26.15 0.66
C THR B 153 11.09 24.93 1.27
N GLN B 154 10.16 24.32 0.57
CA GLN B 154 9.40 23.24 1.18
C GLN B 154 9.52 21.82 0.68
N GLY B 155 9.39 21.65 -0.60
CA GLY B 155 9.42 20.35 -1.27
C GLY B 155 8.82 20.51 -2.65
N LYS B 156 8.52 19.40 -3.31
CA LYS B 156 7.84 19.43 -4.61
C LYS B 156 6.32 19.41 -4.45
N CYS B 157 5.87 19.00 -3.26
CA CYS B 157 4.46 18.75 -3.01
C CYS B 157 4.11 18.90 -1.54
N MET B 158 2.84 19.19 -1.30
CA MET B 158 2.26 19.11 0.02
C MET B 158 1.59 17.75 0.12
N PRO B 159 1.92 16.97 1.16
CA PRO B 159 1.27 15.69 1.36
C PRO B 159 -0.23 15.87 1.50
N PHE B 160 -0.99 14.90 1.01
CA PHE B 160 -2.44 14.95 1.04
C PHE B 160 -2.97 13.53 1.14
N PHE B 161 -3.67 13.25 2.23
CA PHE B 161 -4.25 11.93 2.41
C PHE B 161 -5.75 11.99 2.15
N ARG B 162 -6.25 11.05 1.34
CA ARG B 162 -7.63 11.02 0.88
C ARG B 162 -8.60 10.71 2.00
N ALA B 163 -9.86 11.12 1.84
CA ALA B 163 -10.89 10.95 2.87
C ALA B 163 -11.38 9.51 2.96
N GLY B 164 -11.75 9.09 4.17
CA GLY B 164 -12.19 7.73 4.42
C GLY B 164 -13.40 7.37 3.60
N PHE B 165 -13.66 6.15 3.39
CA PHE B 165 -14.73 5.65 2.60
C PHE B 165 -15.23 4.39 3.22
N VAL B 166 -16.45 4.07 2.80
CA VAL B 166 -17.31 3.17 3.57
C VAL B 166 -17.70 1.76 3.23
N CYS B 167 -17.51 1.20 2.03
CA CYS B 167 -18.14 -0.09 2.05
C CYS B 167 -17.36 -0.79 3.09
N PRO B 168 -16.08 -0.57 3.03
CA PRO B 168 -15.13 -1.26 3.87
C PRO B 168 -14.06 -0.25 4.08
N THR B 169 -12.92 -0.58 4.69
CA THR B 169 -11.97 0.47 5.06
C THR B 169 -10.55 0.56 4.49
N PRO B 170 -10.12 -0.40 3.67
CA PRO B 170 -8.80 -0.33 3.08
C PRO B 170 -8.90 0.11 1.65
N PRO B 171 -9.51 -0.70 0.82
CA PRO B 171 -9.78 -0.33 -0.55
C PRO B 171 -10.92 -1.19 -0.97
N TYR B 172 -11.63 -0.78 -2.01
CA TYR B 172 -12.74 -1.53 -2.56
C TYR B 172 -12.91 -1.02 -3.98
N GLN B 173 -13.60 -1.75 -4.83
CA GLN B 173 -14.18 -1.17 -6.04
C GLN B 173 -15.68 -1.57 -6.09
N SER B 174 -16.55 -0.57 -5.88
CA SER B 174 -17.99 -0.75 -5.68
C SER B 174 -18.76 0.54 -5.96
N LEU B 175 -20.07 0.55 -5.79
CA LEU B 175 -20.80 1.69 -6.25
C LEU B 175 -19.98 2.81 -5.73
N ALA B 176 -19.84 3.83 -6.53
CA ALA B 176 -18.83 4.84 -6.41
C ALA B 176 -18.75 5.24 -5.01
N ARG B 177 -17.52 5.37 -4.57
CA ARG B 177 -17.15 5.49 -3.19
C ARG B 177 -17.74 6.63 -2.52
N ASP B 178 -18.12 6.40 -1.28
CA ASP B 178 -18.81 7.35 -0.47
C ASP B 178 -17.97 7.59 0.74
N GLN B 179 -17.74 8.85 1.10
CA GLN B 179 -16.97 9.22 2.27
C GLN B 179 -17.88 9.28 3.46
N ILE B 180 -17.34 8.97 4.64
CA ILE B 180 -18.17 8.82 5.84
C ILE B 180 -18.17 10.03 6.76
N ASN B 181 -19.34 10.31 7.34
CA ASN B 181 -19.53 11.36 8.32
C ASN B 181 -19.42 10.79 9.73
N ALA B 182 -18.28 11.03 10.38
CA ALA B 182 -18.00 10.43 11.66
C ALA B 182 -18.81 11.04 12.81
N VAL B 183 -19.64 12.01 12.49
CA VAL B 183 -20.47 12.68 13.47
C VAL B 183 -21.96 12.68 13.09
N THR B 184 -22.82 13.06 14.04
CA THR B 184 -24.26 13.02 13.85
C THR B 184 -24.74 14.23 13.06
N SER B 185 -25.71 14.00 12.19
CA SER B 185 -26.19 15.01 11.25
C SER B 185 -27.25 15.93 11.83
N PHE B 186 -27.39 15.93 13.15
CA PHE B 186 -28.36 16.80 13.81
C PHE B 186 -27.64 17.80 14.69
N LEU B 187 -28.18 19.02 14.83
CA LEU B 187 -27.64 19.97 15.80
C LEU B 187 -27.97 19.46 17.18
N ASP B 188 -27.02 18.79 17.82
CA ASP B 188 -27.29 18.15 19.10
C ASP B 188 -26.08 18.18 20.01
N ALA B 189 -25.35 19.30 20.00
CA ALA B 189 -24.13 19.42 20.79
C ALA B 189 -23.33 18.12 20.66
N SER B 190 -23.14 17.68 19.42
CA SER B 190 -22.34 16.50 19.13
C SER B 190 -20.92 16.79 19.55
N LEU B 191 -20.50 18.04 19.36
CA LEU B 191 -19.15 18.46 19.70
C LEU B 191 -18.86 18.43 21.19
N VAL B 192 -19.84 18.80 22.01
CA VAL B 192 -19.59 18.80 23.45
C VAL B 192 -19.69 17.40 24.01
N TYR B 193 -20.65 16.62 23.53
CA TYR B 193 -20.97 15.33 24.14
C TYR B 193 -20.32 14.10 23.53
N GLY B 194 -20.04 14.14 22.23
CA GLY B 194 -19.41 13.03 21.53
C GLY B 194 -20.38 12.37 20.57
N SER B 195 -19.85 11.69 19.56
CA SER B 195 -20.68 10.98 18.60
C SER B 195 -20.48 9.47 18.72
N GLU B 196 -19.84 9.06 19.80
CA GLU B 196 -19.48 7.69 20.01
C GLU B 196 -19.85 7.33 21.44
N PRO B 197 -20.55 6.19 21.64
CA PRO B 197 -21.06 5.77 22.95
C PRO B 197 -19.99 5.56 24.01
N LEU B 199 -16.46 7.08 23.99
CA LEU B 199 -15.86 8.37 24.30
C LEU B 199 -16.84 9.23 25.08
N ALA B 200 -18.13 9.08 24.77
CA ALA B 200 -19.18 9.87 25.39
C ALA B 200 -19.06 9.95 26.90
N SER B 201 -18.62 8.86 27.53
CA SER B 201 -18.56 8.77 28.99
C SER B 201 -17.19 9.04 29.62
N ARG B 202 -16.11 8.72 28.91
CA ARG B 202 -14.78 9.07 29.40
C ARG B 202 -14.72 10.59 29.58
N LEU B 203 -15.58 11.28 28.84
CA LEU B 203 -15.70 12.74 28.90
C LEU B 203 -16.56 13.20 30.08
N ARG B 204 -17.22 12.26 30.72
CA ARG B 204 -18.11 12.57 31.84
C ARG B 204 -17.41 12.35 33.18
N ASN B 205 -17.89 13.04 34.21
CA ASN B 205 -17.44 12.87 35.59
C ASN B 205 -18.40 11.90 36.24
N LEU B 206 -18.09 10.61 36.13
CA LEU B 206 -18.94 9.54 36.65
C LEU B 206 -18.57 9.14 38.10
N SER B 207 -17.52 9.76 38.64
CA SER B 207 -17.13 9.57 40.04
C SER B 207 -18.18 10.17 40.99
N SER B 208 -18.76 11.31 40.61
CA SER B 208 -19.77 12.00 41.40
C SER B 208 -21.18 11.64 40.89
N PRO B 209 -22.22 11.84 41.72
CA PRO B 209 -23.60 11.66 41.27
C PRO B 209 -24.28 12.95 40.74
N LEU B 210 -23.47 13.93 40.34
CA LEU B 210 -23.98 15.26 39.98
C LEU B 210 -24.29 15.46 38.50
N GLY B 211 -24.00 14.45 37.69
CA GLY B 211 -24.23 14.51 36.24
C GLY B 211 -23.32 15.49 35.50
N LEU B 212 -22.09 15.65 35.97
CA LEU B 212 -21.15 16.59 35.38
C LEU B 212 -20.29 15.96 34.30
N MET B 213 -19.78 16.78 33.39
CA MET B 213 -18.75 16.37 32.45
C MET B 213 -17.37 16.51 33.12
N ALA B 214 -16.41 15.73 32.68
CA ALA B 214 -15.04 15.80 33.21
C ALA B 214 -14.45 17.19 33.00
N VAL B 215 -13.60 17.61 33.94
CA VAL B 215 -12.90 18.89 33.83
C VAL B 215 -11.41 18.72 34.13
N ASN B 216 -10.63 19.73 33.77
CA ASN B 216 -9.18 19.71 33.95
C ASN B 216 -8.78 19.90 35.42
N GLN B 217 -7.94 18.99 35.90
CA GLN B 217 -7.45 19.03 37.28
C GLN B 217 -6.19 19.88 37.38
N GLU B 218 -5.38 19.86 36.32
CA GLU B 218 -4.06 20.51 36.30
C GLU B 218 -4.14 22.03 36.14
N ALA B 219 -5.04 22.51 35.30
CA ALA B 219 -5.18 23.95 35.08
C ALA B 219 -6.58 24.46 35.44
N TRP B 220 -6.62 25.67 35.99
CA TRP B 220 -7.85 26.34 36.38
C TRP B 220 -7.71 27.81 36.01
N ASP B 221 -8.84 28.52 35.88
CA ASP B 221 -8.78 29.97 35.70
C ASP B 221 -9.91 30.72 36.40
N HIS B 222 -9.53 31.52 37.39
CA HIS B 222 -10.44 32.33 38.20
C HIS B 222 -11.57 31.50 38.83
N GLY B 223 -11.24 30.26 39.19
CA GLY B 223 -12.19 29.34 39.79
C GLY B 223 -13.02 28.56 38.79
N LEU B 224 -12.98 29.00 37.54
CA LEU B 224 -13.74 28.35 36.49
C LEU B 224 -12.95 27.18 35.86
N ALA B 225 -13.60 26.45 34.96
CA ALA B 225 -13.06 25.17 34.51
C ALA B 225 -12.44 25.22 33.12
N TYR B 226 -11.71 24.14 32.79
CA TYR B 226 -11.21 23.89 31.45
C TYR B 226 -11.66 22.48 31.02
N PRO B 227 -11.65 22.19 29.71
CA PRO B 227 -11.71 20.78 29.35
C PRO B 227 -10.47 20.04 29.86
N PRO B 228 -10.56 18.71 30.07
CA PRO B 228 -9.40 17.96 30.54
C PRO B 228 -8.39 17.74 29.42
N PHE B 229 -7.11 17.66 29.77
CA PHE B 229 -6.05 17.44 28.78
C PHE B 229 -6.17 16.08 28.10
N ASN B 230 -5.91 16.05 26.80
CA ASN B 230 -5.79 14.80 26.09
C ASN B 230 -4.35 14.35 26.11
N ASN B 231 -4.00 13.48 27.07
CA ASN B 231 -2.64 12.98 27.23
C ASN B 231 -2.39 11.84 26.25
N VAL B 232 -2.17 12.19 24.99
CA VAL B 232 -2.00 11.19 23.93
C VAL B 232 -0.54 10.89 23.61
N LYS B 233 0.28 11.93 23.44
CA LYS B 233 1.73 11.78 23.19
C LYS B 233 2.10 10.87 22.00
N PRO B 234 2.64 11.45 20.92
CA PRO B 234 2.91 12.88 20.76
C PRO B 234 1.66 13.64 20.30
N SER B 235 1.39 14.76 20.97
CA SER B 235 0.28 15.62 20.60
C SER B 235 0.78 16.78 19.75
N PRO B 236 -0.03 17.22 18.78
CA PRO B 236 0.34 18.35 17.93
C PRO B 236 0.45 19.66 18.71
N CYS B 237 -0.29 19.77 19.80
CA CYS B 237 -0.31 20.98 20.61
C CYS B 237 1.02 21.21 21.32
N GLU B 238 1.51 20.19 22.03
CA GLU B 238 2.81 20.23 22.71
C GLU B 238 3.95 20.65 21.79
N PHE B 239 3.88 20.19 20.54
CA PHE B 239 4.98 20.28 19.59
C PHE B 239 5.28 21.70 19.09
N ILE B 240 4.30 22.60 19.17
CA ILE B 240 4.51 23.99 18.73
C ILE B 240 5.16 24.85 19.81
N ASN B 241 5.34 24.26 20.99
CA ASN B 241 6.10 24.82 22.10
C ASN B 241 6.27 23.71 23.11
N THR B 242 7.42 23.05 23.06
CA THR B 242 7.66 21.86 23.88
C THR B 242 8.11 22.21 25.31
N THR B 243 8.48 23.48 25.51
CA THR B 243 8.86 24.00 26.82
C THR B 243 7.64 24.10 27.76
N ALA B 244 6.49 24.44 27.19
CA ALA B 244 5.28 24.67 27.98
C ALA B 244 4.64 23.39 28.48
N HIS B 245 4.88 22.27 27.78
CA HIS B 245 4.22 20.98 28.05
C HIS B 245 2.70 21.14 28.19
N VAL B 246 2.08 21.80 27.22
CA VAL B 246 0.62 21.98 27.25
C VAL B 246 -0.04 21.24 26.07
N PRO B 247 -0.72 20.12 26.37
CA PRO B 247 -1.35 19.33 25.34
C PRO B 247 -2.75 19.85 24.94
N CYS B 248 -3.36 19.18 23.98
CA CYS B 248 -4.66 19.57 23.44
C CYS B 248 -5.78 19.30 24.43
N PHE B 249 -6.93 19.95 24.20
CA PHE B 249 -8.10 19.76 25.04
C PHE B 249 -8.88 18.54 24.59
N GLN B 250 -9.50 17.86 25.56
CA GLN B 250 -10.34 16.70 25.26
C GLN B 250 -11.82 17.05 25.27
N ALA B 251 -12.37 17.22 24.07
CA ALA B 251 -13.77 17.52 23.89
C ALA B 251 -14.38 16.44 23.01
N GLY B 252 -15.70 16.42 22.92
CA GLY B 252 -16.44 15.44 22.12
C GLY B 252 -16.26 15.55 20.61
N ASP B 253 -15.24 16.31 20.20
CA ASP B 253 -14.84 16.42 18.80
C ASP B 253 -13.32 16.43 18.71
N SER B 254 -12.79 15.80 17.67
CA SER B 254 -11.34 15.72 17.43
C SER B 254 -10.73 17.10 17.16
N ARG B 255 -11.45 17.93 16.43
CA ARG B 255 -10.90 19.17 15.88
C ARG B 255 -11.04 20.34 16.83
N ALA B 256 -11.29 20.04 18.10
CA ALA B 256 -11.67 21.04 19.10
C ALA B 256 -10.59 22.07 19.45
N SER B 257 -9.33 21.73 19.20
CA SER B 257 -8.21 22.59 19.62
C SER B 257 -7.35 23.11 18.46
N GLU B 258 -7.90 23.02 17.26
CA GLU B 258 -7.23 23.44 16.02
C GLU B 258 -6.84 24.91 15.97
N GLN B 259 -7.53 25.75 16.75
CA GLN B 259 -7.29 27.19 16.81
C GLN B 259 -7.58 27.58 18.27
N ILE B 260 -7.11 28.75 18.73
CA ILE B 260 -7.38 29.19 20.11
C ILE B 260 -8.88 29.45 20.29
N LEU B 261 -9.46 30.15 19.34
CA LEU B 261 -10.84 30.61 19.48
C LEU B 261 -11.85 29.47 19.35
N LEU B 262 -11.48 28.40 18.65
CA LEU B 262 -12.35 27.22 18.58
C LEU B 262 -12.40 26.52 19.94
N ALA B 263 -11.25 26.33 20.57
CA ALA B 263 -11.18 25.77 21.92
C ALA B 263 -11.86 26.67 22.94
N THR B 264 -11.85 27.98 22.69
CA THR B 264 -12.45 28.96 23.59
C THR B 264 -13.96 28.77 23.71
N VAL B 265 -14.65 28.62 22.57
CA VAL B 265 -16.10 28.41 22.59
C VAL B 265 -16.47 26.99 23.03
N HIS B 266 -15.56 26.04 22.84
CA HIS B 266 -15.71 24.68 23.39
C HIS B 266 -15.79 24.68 24.90
N THR B 267 -14.91 25.47 25.53
CA THR B 267 -14.85 25.60 26.98
C THR B 267 -16.13 26.24 27.51
N LEU B 268 -16.64 27.25 26.79
CA LEU B 268 -17.91 27.90 27.13
C LEU B 268 -19.09 26.93 27.13
N LEU B 269 -19.15 26.09 26.10
CA LEU B 269 -20.20 25.09 25.95
C LEU B 269 -20.09 23.98 27.00
N LEU B 270 -18.85 23.61 27.32
CA LEU B 270 -18.57 22.63 28.37
C LEU B 270 -18.96 23.16 29.74
N ARG B 271 -18.58 24.40 30.04
CA ARG B 271 -18.96 25.04 31.28
C ARG B 271 -20.47 25.09 31.42
N GLU B 272 -21.14 25.60 30.38
CA GLU B 272 -22.61 25.70 30.34
C GLU B 272 -23.29 24.44 30.85
N HIS B 273 -22.81 23.27 30.44
CA HIS B 273 -23.37 21.99 30.89
C HIS B 273 -23.34 21.83 32.41
N ASN B 274 -22.15 21.95 33.00
CA ASN B 274 -21.99 21.84 34.44
C ASN B 274 -22.93 22.74 35.23
N ARG B 275 -23.06 23.99 34.78
CA ARG B 275 -23.97 24.94 35.42
C ARG B 275 -25.38 24.37 35.48
N LEU B 276 -25.92 23.98 34.33
CA LEU B 276 -27.26 23.41 34.23
C LEU B 276 -27.41 22.17 35.11
N ALA B 277 -26.35 21.38 35.23
CA ALA B 277 -26.35 20.19 36.07
C ALA B 277 -26.44 20.54 37.55
N ARG B 278 -25.61 21.49 37.97
CA ARG B 278 -25.64 21.98 39.36
C ARG B 278 -26.98 22.64 39.65
N GLU B 279 -27.48 23.40 38.69
CA GLU B 279 -28.74 24.12 38.84
C GLU B 279 -30.00 23.26 38.75
N LEU B 280 -29.96 22.24 37.89
CA LEU B 280 -31.09 21.32 37.76
C LEU B 280 -31.17 20.38 38.96
N LYS B 281 -30.05 20.19 39.65
CA LYS B 281 -30.08 19.42 40.89
C LYS B 281 -30.77 20.21 42.00
N ARG B 282 -30.40 21.48 42.14
CA ARG B 282 -31.02 22.33 43.16
C ARG B 282 -32.55 22.28 43.11
N LEU B 283 -33.12 22.53 41.94
CA LEU B 283 -34.59 22.49 41.76
C LEU B 283 -35.17 21.09 41.86
N ASN B 284 -34.36 20.08 41.55
CA ASN B 284 -34.77 18.67 41.65
C ASN B 284 -33.76 17.82 42.42
N PRO B 285 -33.76 17.93 43.77
CA PRO B 285 -32.77 17.25 44.61
C PRO B 285 -32.77 15.72 44.44
N HIS B 286 -33.96 15.14 44.29
CA HIS B 286 -34.14 13.70 44.18
C HIS B 286 -33.50 13.06 42.94
N TRP B 287 -33.38 13.83 41.85
CA TRP B 287 -32.80 13.34 40.59
C TRP B 287 -31.43 12.69 40.75
N ASP B 288 -31.16 11.65 39.96
CA ASP B 288 -29.86 10.96 40.00
C ASP B 288 -28.97 11.25 38.78
N GLY B 289 -27.67 10.95 38.93
CA GLY B 289 -26.62 11.28 37.97
C GLY B 289 -26.95 11.25 36.49
N GLU B 290 -27.50 10.14 36.03
CA GLU B 290 -27.84 9.96 34.61
C GLU B 290 -28.83 11.02 34.12
N MET B 291 -29.92 11.23 34.84
CA MET B 291 -30.94 12.21 34.40
C MET B 291 -30.45 13.66 34.45
N LEU B 292 -29.49 13.95 35.33
CA LEU B 292 -28.88 15.29 35.38
C LEU B 292 -28.13 15.58 34.10
N TYR B 293 -27.16 14.71 33.77
CA TYR B 293 -26.43 14.77 32.50
C TYR B 293 -27.36 14.91 31.30
N GLN B 294 -28.41 14.10 31.30
CA GLN B 294 -29.35 14.01 30.18
C GLN B 294 -30.17 15.29 29.98
N GLU B 295 -30.81 15.76 31.06
CA GLU B 295 -31.68 16.94 30.98
C GLU B 295 -30.90 18.20 30.62
N ALA B 296 -29.68 18.31 31.14
CA ALA B 296 -28.78 19.44 30.86
C ALA B 296 -28.35 19.43 29.39
N ARG B 297 -27.88 18.27 28.93
CA ARG B 297 -27.52 18.01 27.53
C ARG B 297 -28.59 18.55 26.58
N LYS B 298 -29.83 18.10 26.80
CA LYS B 298 -30.98 18.51 26.00
C LYS B 298 -31.13 20.03 25.89
N ILE B 299 -30.92 20.73 27.00
CA ILE B 299 -31.08 22.19 27.02
C ILE B 299 -29.95 22.89 26.24
N LEU B 300 -28.74 22.32 26.29
CA LEU B 300 -27.59 22.86 25.56
C LEU B 300 -27.74 22.67 24.06
N GLY B 301 -28.24 21.51 23.66
CA GLY B 301 -28.54 21.23 22.26
C GLY B 301 -29.67 22.08 21.73
N ALA B 302 -30.68 22.30 22.58
CA ALA B 302 -31.76 23.24 22.27
C ALA B 302 -31.22 24.66 22.19
N PHE B 303 -30.26 24.98 23.07
CA PHE B 303 -29.55 26.27 23.06
C PHE B 303 -28.91 26.51 21.70
N ILE B 304 -28.10 25.54 21.26
CA ILE B 304 -27.42 25.64 19.96
C ILE B 304 -28.47 25.83 18.85
N GLN B 305 -29.41 24.88 18.78
CA GLN B 305 -30.46 24.92 17.77
C GLN B 305 -31.06 26.31 17.64
N ILE B 306 -31.37 26.93 18.77
CA ILE B 306 -32.04 28.23 18.80
C ILE B 306 -31.20 29.34 18.19
N ILE B 307 -29.99 29.54 18.73
CA ILE B 307 -29.11 30.60 18.24
C ILE B 307 -28.76 30.42 16.76
N THR B 308 -28.51 29.18 16.36
CA THR B 308 -28.08 28.86 15.01
C THR B 308 -29.14 29.21 13.97
N PHE B 309 -30.40 29.05 14.32
CA PHE B 309 -31.50 29.32 13.38
C PHE B 309 -32.10 30.72 13.51
N ARG B 310 -32.12 31.26 14.72
CA ARG B 310 -32.66 32.59 14.97
C ARG B 310 -31.64 33.69 14.68
N ASP B 311 -30.41 33.51 15.17
CA ASP B 311 -29.40 34.57 15.13
C ASP B 311 -28.31 34.42 14.06
N TYR B 312 -28.00 33.19 13.64
CA TYR B 312 -26.92 32.97 12.65
C TYR B 312 -27.35 32.89 11.18
N LEU B 313 -28.20 31.91 10.85
CA LEU B 313 -28.57 31.65 9.45
C LEU B 313 -29.22 32.80 8.67
N PRO B 314 -30.14 33.57 9.30
CA PRO B 314 -30.75 34.70 8.59
C PRO B 314 -29.76 35.78 8.20
N ILE B 315 -28.61 35.83 8.89
CA ILE B 315 -27.55 36.80 8.57
C ILE B 315 -26.43 36.18 7.71
N VAL B 316 -26.61 34.91 7.33
CA VAL B 316 -25.78 34.28 6.30
C VAL B 316 -26.57 34.21 4.98
N LEU B 317 -27.79 33.70 5.05
CA LEU B 317 -28.61 33.50 3.86
C LEU B 317 -29.22 34.80 3.37
N GLY B 318 -29.44 35.74 4.29
CA GLY B 318 -29.99 37.06 3.96
C GLY B 318 -31.42 37.01 3.50
N SER B 319 -31.70 37.62 2.35
CA SER B 319 -33.04 37.65 1.79
C SER B 319 -33.44 36.29 1.21
N GLU B 320 -32.49 35.37 1.12
CA GLU B 320 -32.74 34.00 0.65
C GLU B 320 -33.10 33.06 1.81
N MET B 321 -33.20 33.61 3.02
CA MET B 321 -33.52 32.85 4.23
C MET B 321 -34.88 32.13 4.14
N GLN B 322 -35.92 32.87 3.78
CA GLN B 322 -37.30 32.34 3.74
C GLN B 322 -37.57 31.45 2.52
N LYS B 323 -36.91 31.76 1.41
CA LYS B 323 -37.06 31.06 0.13
C LYS B 323 -36.68 29.58 0.27
N TRP B 324 -35.79 29.30 1.22
CA TRP B 324 -35.26 27.96 1.42
C TRP B 324 -35.67 27.37 2.77
N ILE B 325 -35.75 28.24 3.78
CA ILE B 325 -36.19 27.85 5.11
C ILE B 325 -37.48 28.59 5.48
N PRO B 326 -38.65 28.07 5.03
CA PRO B 326 -39.95 28.60 5.45
C PRO B 326 -40.17 28.36 6.97
N PRO B 327 -41.28 28.87 7.52
CA PRO B 327 -41.55 28.63 8.95
C PRO B 327 -41.83 27.16 9.27
N TYR B 328 -41.55 26.78 10.52
CA TYR B 328 -41.66 25.41 11.00
C TYR B 328 -43.08 24.86 10.94
N GLN B 329 -43.26 23.82 10.16
CA GLN B 329 -44.57 23.21 9.97
C GLN B 329 -44.74 21.92 10.76
N GLY B 330 -43.79 21.62 11.63
CA GLY B 330 -43.79 20.38 12.39
C GLY B 330 -42.93 19.29 11.78
N TYR B 331 -42.70 18.23 12.56
CA TYR B 331 -41.80 17.14 12.19
C TYR B 331 -42.34 16.29 11.03
N ASN B 332 -41.68 16.44 9.88
CA ASN B 332 -41.95 15.65 8.69
C ASN B 332 -40.95 14.49 8.67
N ASN B 333 -41.42 13.27 8.94
CA ASN B 333 -40.54 12.11 9.06
C ASN B 333 -39.96 11.59 7.74
N SER B 334 -40.59 11.97 6.62
CA SER B 334 -40.14 11.55 5.29
C SER B 334 -38.90 12.33 4.83
N VAL B 335 -38.55 13.34 5.61
CA VAL B 335 -37.39 14.19 5.33
C VAL B 335 -36.09 13.47 5.72
N ASP B 336 -35.25 13.24 4.71
CA ASP B 336 -33.92 12.64 4.90
C ASP B 336 -32.96 13.59 5.66
N PRO B 337 -32.63 13.24 6.92
CA PRO B 337 -31.82 14.11 7.79
C PRO B 337 -30.30 13.94 7.66
N ARG B 338 -29.85 12.96 6.87
CA ARG B 338 -28.43 12.80 6.53
C ARG B 338 -27.91 14.07 5.87
N ILE B 339 -26.78 14.59 6.33
CA ILE B 339 -26.18 15.73 5.64
C ILE B 339 -25.32 15.27 4.47
N SER B 340 -25.51 15.91 3.31
CA SER B 340 -24.86 15.49 2.07
C SER B 340 -23.38 15.89 1.95
N ASN B 341 -22.73 15.39 0.90
CA ASN B 341 -21.33 15.67 0.63
C ASN B 341 -21.07 17.15 0.29
N VAL B 342 -21.78 17.65 -0.73
CA VAL B 342 -21.64 19.05 -1.18
C VAL B 342 -21.69 20.03 0.00
N PHE B 343 -22.49 19.71 1.02
CA PHE B 343 -22.61 20.56 2.20
C PHE B 343 -21.26 20.75 2.86
N THR B 344 -20.49 19.68 2.98
CA THR B 344 -19.19 19.71 3.64
C THR B 344 -18.18 20.59 2.89
N PHE B 345 -18.55 21.02 1.69
CA PHE B 345 -17.71 21.89 0.88
C PHE B 345 -18.33 23.26 0.70
N ALA B 346 -19.66 23.31 0.66
CA ALA B 346 -20.38 24.56 0.55
C ALA B 346 -20.22 25.37 1.82
N PHE B 347 -20.21 24.69 2.97
CA PHE B 347 -20.10 25.35 4.29
C PHE B 347 -18.70 25.90 4.53
N ARG B 348 -17.72 25.44 3.75
CA ARG B 348 -16.35 25.93 3.87
C ARG B 348 -16.18 27.38 3.38
N PHE B 349 -17.30 28.01 3.02
CA PHE B 349 -17.32 29.44 2.71
C PHE B 349 -16.73 30.26 3.85
N GLY B 350 -16.83 29.71 5.07
CA GLY B 350 -16.33 30.36 6.26
C GLY B 350 -14.84 30.58 6.23
N HIS B 351 -14.12 29.70 5.54
CA HIS B 351 -12.66 29.83 5.41
C HIS B 351 -12.26 31.20 4.85
N MET B 352 -13.20 31.85 4.16
CA MET B 352 -12.99 33.19 3.63
C MET B 352 -13.51 34.27 4.58
N GLU B 353 -13.59 33.93 5.86
CA GLU B 353 -13.99 34.88 6.92
C GLU B 353 -12.96 34.94 8.02
N VAL B 354 -12.01 34.01 8.01
CA VAL B 354 -10.93 33.99 8.99
C VAL B 354 -9.93 35.11 8.67
N PRO B 355 -9.76 36.08 9.59
CA PRO B 355 -8.84 37.18 9.36
C PRO B 355 -7.45 36.90 9.89
N SER B 356 -6.49 37.74 9.50
CA SER B 356 -5.05 37.49 9.66
C SER B 356 -4.58 37.39 11.10
N THR B 357 -5.29 38.08 12.00
CA THR B 357 -4.87 38.22 13.39
C THR B 357 -5.91 37.75 14.40
N VAL B 358 -5.47 37.63 15.66
CA VAL B 358 -6.32 37.38 16.81
C VAL B 358 -5.86 38.26 17.97
N SER B 359 -6.78 39.06 18.50
CA SER B 359 -6.48 39.95 19.61
C SER B 359 -6.98 39.42 20.94
N ARG B 360 -6.36 39.93 22.00
CA ARG B 360 -6.78 39.68 23.37
C ARG B 360 -6.88 41.05 24.04
N LEU B 361 -8.10 41.41 24.47
CA LEU B 361 -8.33 42.70 25.12
C LEU B 361 -8.47 42.53 26.63
N ASP B 362 -8.05 43.56 27.34
CA ASP B 362 -8.09 43.63 28.78
C ASP B 362 -9.40 44.09 29.28
N GLU B 363 -9.49 44.36 30.54
CA GLU B 363 -10.75 44.56 31.16
C GLU B 363 -11.61 45.69 30.53
N ASN B 364 -10.96 46.73 30.08
CA ASN B 364 -11.57 47.90 29.44
C ASN B 364 -11.66 47.78 27.92
N TYR B 365 -11.64 46.54 27.42
CA TYR B 365 -11.59 46.23 25.99
C TYR B 365 -10.47 47.00 25.28
N GLN B 366 -9.28 46.95 25.88
CA GLN B 366 -8.09 47.65 25.40
C GLN B 366 -6.96 46.64 25.23
N PRO B 367 -6.04 46.85 24.26
CA PRO B 367 -5.01 45.85 24.03
C PRO B 367 -4.40 45.36 25.35
N TRP B 368 -4.52 44.06 25.59
CA TRP B 368 -4.03 43.45 26.83
C TRP B 368 -2.56 43.12 26.70
N GLY B 369 -1.73 43.93 27.37
CA GLY B 369 -0.30 43.71 27.41
C GLY B 369 0.39 43.93 26.06
N PRO B 370 1.66 43.55 26.00
CA PRO B 370 2.57 43.73 24.88
C PRO B 370 2.22 42.98 23.63
N GLU B 371 1.68 41.78 23.79
CA GLU B 371 1.38 40.96 22.66
C GLU B 371 -0.05 40.69 22.80
N ALA B 372 -0.81 41.65 22.40
CA ALA B 372 -2.25 41.50 22.39
C ALA B 372 -2.64 40.89 21.06
N GLU B 373 -2.16 41.49 19.98
CA GLU B 373 -2.48 41.07 18.63
C GLU B 373 -1.50 40.01 18.13
N LEU B 374 -2.03 38.85 17.78
CA LEU B 374 -1.20 37.72 17.36
C LEU B 374 -1.55 37.24 15.95
N PRO B 375 -0.52 36.93 15.13
CA PRO B 375 -0.69 36.20 13.88
C PRO B 375 -1.41 34.85 14.06
N LEU B 376 -2.42 34.59 13.22
CA LEU B 376 -3.26 33.41 13.37
C LEU B 376 -2.46 32.10 13.29
N HIS B 377 -1.39 32.10 12.50
CA HIS B 377 -0.58 30.89 12.33
C HIS B 377 0.11 30.46 13.64
N THR B 378 0.41 31.42 14.50
CA THR B 378 0.91 31.15 15.85
C THR B 378 -0.04 30.22 16.61
N LEU B 379 -1.31 30.28 16.24
CA LEU B 379 -2.37 29.73 17.07
C LEU B 379 -2.98 28.41 16.60
N PHE B 380 -2.48 27.84 15.51
CA PHE B 380 -2.95 26.51 15.10
C PHE B 380 -2.44 25.46 16.08
N PHE B 381 -3.39 24.76 16.70
CA PHE B 381 -3.16 23.82 17.82
C PHE B 381 -2.49 24.44 19.06
N ASN B 382 -2.70 25.74 19.23
CA ASN B 382 -2.20 26.48 20.40
C ASN B 382 -3.13 26.41 21.61
N THR B 383 -2.65 25.76 22.67
CA THR B 383 -3.39 25.65 23.92
C THR B 383 -2.67 26.35 25.06
N TRP B 384 -1.37 26.60 24.88
CA TRP B 384 -0.57 27.25 25.92
C TRP B 384 -0.90 28.73 26.13
N ARG B 385 -1.34 29.38 25.05
CA ARG B 385 -1.81 30.77 25.11
C ARG B 385 -3.09 30.91 25.92
N ILE B 386 -3.90 29.86 25.98
CA ILE B 386 -5.13 29.89 26.77
C ILE B 386 -4.82 29.69 28.24
N ILE B 387 -4.20 28.56 28.57
CA ILE B 387 -4.04 28.17 29.97
C ILE B 387 -2.87 28.84 30.70
N LYS B 388 -1.82 29.22 29.96
CA LYS B 388 -0.63 29.85 30.58
C LYS B 388 -0.45 31.33 30.24
N ASP B 389 -1.43 31.92 29.54
CA ASP B 389 -1.34 33.33 29.13
C ASP B 389 -2.51 34.30 29.42
N GLY B 390 -3.48 33.92 30.28
CA GLY B 390 -4.62 34.81 30.51
C GLY B 390 -6.02 34.22 30.69
N GLY B 391 -6.21 32.96 30.31
CA GLY B 391 -7.52 32.33 30.41
C GLY B 391 -8.31 32.48 29.13
N ILE B 392 -9.64 32.57 29.26
CA ILE B 392 -10.50 32.73 28.09
C ILE B 392 -11.18 34.10 28.03
N ASP B 393 -11.15 34.82 29.16
CA ASP B 393 -11.71 36.17 29.26
C ASP B 393 -11.29 37.10 28.12
N PRO B 394 -9.97 37.31 27.94
CA PRO B 394 -9.46 38.21 26.88
C PRO B 394 -9.69 37.70 25.45
N LEU B 395 -10.02 36.42 25.31
CA LEU B 395 -10.34 35.83 24.01
C LEU B 395 -11.83 35.94 23.71
N VAL B 396 -12.64 35.89 24.77
CA VAL B 396 -14.08 36.08 24.64
C VAL B 396 -14.36 37.56 24.37
N ARG B 397 -13.51 38.43 24.91
CA ARG B 397 -13.62 39.87 24.66
C ARG B 397 -13.18 40.22 23.25
N GLY B 398 -12.17 39.53 22.76
CA GLY B 398 -11.74 39.66 21.37
C GLY B 398 -12.90 39.40 20.43
N LEU B 399 -13.55 38.25 20.61
CA LEU B 399 -14.70 37.86 19.79
C LEU B 399 -15.83 38.89 19.77
N LEU B 400 -16.06 39.54 20.91
CA LEU B 400 -17.14 40.51 21.04
C LEU B 400 -16.86 41.85 20.36
N ALA B 401 -15.59 42.27 20.38
CA ALA B 401 -15.20 43.60 19.95
C ALA B 401 -14.47 43.67 18.60
N LYS B 402 -14.02 42.53 18.10
CA LYS B 402 -13.33 42.50 16.80
C LYS B 402 -14.24 42.04 15.66
N ASN B 403 -13.78 42.27 14.43
CA ASN B 403 -14.54 41.98 13.23
C ASN B 403 -14.05 40.72 12.51
N SER B 404 -14.94 40.09 11.76
CA SER B 404 -14.58 39.01 10.85
C SER B 404 -13.91 39.59 9.60
N LYS B 405 -13.53 38.71 8.69
CA LYS B 405 -13.09 39.11 7.36
C LYS B 405 -14.28 39.04 6.41
N LEU B 406 -14.46 40.09 5.61
CA LEU B 406 -15.50 40.10 4.58
C LEU B 406 -14.99 39.40 3.33
N MET B 407 -15.76 38.43 2.84
CA MET B 407 -15.44 37.76 1.58
C MET B 407 -15.46 38.79 0.45
N ASN B 408 -14.47 38.67 -0.42
CA ASN B 408 -14.18 39.67 -1.42
C ASN B 408 -13.57 38.99 -2.65
N GLN B 409 -14.14 39.25 -3.82
CA GLN B 409 -13.68 38.63 -5.06
C GLN B 409 -12.18 38.74 -5.29
N ASN B 410 -11.62 39.89 -4.95
CA ASN B 410 -10.18 40.13 -5.15
C ASN B 410 -9.32 39.66 -3.98
N LYS B 411 -9.95 39.35 -2.85
CA LYS B 411 -9.25 38.89 -1.65
C LYS B 411 -10.02 37.76 -0.97
N MET B 412 -9.61 36.52 -1.20
CA MET B 412 -10.39 35.37 -0.72
C MET B 412 -9.91 34.78 0.61
N VAL B 413 -8.78 34.06 0.58
CA VAL B 413 -8.27 33.42 1.81
C VAL B 413 -6.95 34.04 2.22
N THR B 414 -6.86 34.42 3.50
CA THR B 414 -5.66 35.07 4.02
C THR B 414 -4.41 34.19 3.95
N SER B 415 -3.24 34.81 3.96
CA SER B 415 -2.02 34.03 3.83
C SER B 415 -1.90 33.06 4.99
N GLU B 416 -2.60 33.37 6.08
CA GLU B 416 -2.46 32.62 7.31
C GLU B 416 -3.02 31.21 7.17
N LEU B 417 -3.97 31.05 6.25
CA LEU B 417 -4.57 29.74 5.99
C LEU B 417 -4.05 29.05 4.71
N ARG B 418 -3.82 29.83 3.66
CA ARG B 418 -3.40 29.28 2.37
C ARG B 418 -1.89 29.21 2.18
N ASN B 419 -1.17 29.67 3.20
CA ASN B 419 0.29 29.68 3.18
C ASN B 419 1.01 29.44 4.53
N LYS B 420 0.28 29.08 5.58
CA LYS B 420 0.91 28.87 6.89
C LYS B 420 0.16 27.89 7.80
N LEU B 421 -0.77 27.13 7.22
CA LEU B 421 -1.60 26.18 7.99
C LEU B 421 -0.77 25.05 8.59
N PHE B 422 -0.91 24.85 9.89
CA PHE B 422 -0.23 23.76 10.60
C PHE B 422 -1.17 22.57 10.69
N GLN B 423 -0.66 21.39 10.32
CA GLN B 423 -1.47 20.18 10.34
C GLN B 423 -0.92 19.15 11.33
N PRO B 424 -1.82 18.53 12.14
CA PRO B 424 -1.48 17.77 13.35
C PRO B 424 -0.28 16.82 13.23
N THR B 425 -0.28 15.96 12.20
CA THR B 425 0.75 14.94 12.05
C THR B 425 2.09 15.54 11.62
N HIS B 426 2.03 16.38 10.57
CA HIS B 426 3.21 16.98 9.98
C HIS B 426 3.80 18.09 10.88
N LYS B 427 4.96 18.63 10.50
CA LYS B 427 5.74 19.47 11.41
C LYS B 427 5.76 20.97 11.07
N VAL B 428 5.57 21.31 9.80
CA VAL B 428 5.70 22.71 9.36
C VAL B 428 4.40 23.52 9.27
N HIS B 429 4.56 24.84 9.45
CA HIS B 429 3.49 25.81 9.16
C HIS B 429 3.60 26.31 7.72
N GLY B 430 3.22 25.46 6.77
CA GLY B 430 3.33 25.81 5.37
C GLY B 430 2.34 25.14 4.43
N PHE B 431 1.23 24.65 4.95
CA PHE B 431 0.22 24.07 4.08
C PHE B 431 -0.71 25.14 3.57
N ASP B 432 -1.50 24.79 2.56
CA ASP B 432 -2.49 25.70 1.98
C ASP B 432 -3.90 25.18 2.26
N LEU B 433 -4.76 26.05 2.82
CA LEU B 433 -6.13 25.64 3.10
C LEU B 433 -6.98 25.65 1.84
N ALA B 434 -6.86 26.71 1.03
CA ALA B 434 -7.56 26.80 -0.24
C ALA B 434 -7.25 25.57 -1.11
N ALA B 435 -5.97 25.24 -1.23
CA ALA B 435 -5.53 24.13 -2.07
C ALA B 435 -5.94 22.76 -1.50
N ILE B 436 -5.90 22.61 -0.17
CA ILE B 436 -6.39 21.40 0.49
C ILE B 436 -7.89 21.20 0.24
N ASN B 437 -8.62 22.31 0.11
CA ASN B 437 -10.05 22.28 -0.19
C ASN B 437 -10.32 21.77 -1.60
N LEU B 438 -9.57 22.29 -2.57
CA LEU B 438 -9.80 21.97 -3.96
C LEU B 438 -9.46 20.53 -4.30
N GLN B 439 -8.29 20.08 -3.86
CA GLN B 439 -7.87 18.69 -4.03
C GLN B 439 -8.87 17.72 -3.39
N ARG B 440 -9.70 18.24 -2.50
CA ARG B 440 -10.61 17.42 -1.72
C ARG B 440 -12.01 17.44 -2.28
N CYS B 441 -12.31 18.41 -3.14
CA CYS B 441 -13.55 18.38 -3.90
C CYS B 441 -13.42 17.27 -4.92
N ARG B 442 -12.18 17.07 -5.37
CA ARG B 442 -11.86 16.04 -6.34
C ARG B 442 -11.78 14.68 -5.65
N ASP B 443 -11.19 14.66 -4.45
CA ASP B 443 -11.15 13.44 -3.62
C ASP B 443 -12.55 12.93 -3.27
N HIS B 444 -13.51 13.85 -3.15
CA HIS B 444 -14.89 13.50 -2.78
C HIS B 444 -15.82 13.29 -3.97
N GLY B 445 -15.24 13.06 -5.14
CA GLY B 445 -16.03 12.82 -6.35
C GLY B 445 -17.15 13.81 -6.62
N MET B 446 -16.83 15.10 -6.47
CA MET B 446 -17.81 16.16 -6.61
C MET B 446 -18.05 16.53 -8.06
N PRO B 447 -19.33 16.77 -8.42
CA PRO B 447 -19.67 17.36 -9.70
C PRO B 447 -19.27 18.82 -9.72
N GLY B 448 -19.19 19.40 -10.92
CA GLY B 448 -18.71 20.76 -11.10
C GLY B 448 -19.71 21.88 -10.79
N TYR B 449 -19.23 23.11 -10.91
CA TYR B 449 -20.03 24.31 -10.70
C TYR B 449 -21.42 24.27 -11.34
N ASN B 450 -21.48 24.03 -12.66
CA ASN B 450 -22.75 24.07 -13.39
C ASN B 450 -23.73 22.94 -13.09
N SER B 451 -23.22 21.78 -12.68
CA SER B 451 -24.11 20.72 -12.23
C SER B 451 -24.81 21.15 -10.95
N TRP B 452 -24.13 21.97 -10.16
CA TRP B 452 -24.71 22.51 -8.93
C TRP B 452 -25.54 23.77 -9.15
N ARG B 453 -25.10 24.60 -10.09
CA ARG B 453 -25.91 25.73 -10.56
C ARG B 453 -27.25 25.24 -11.13
N GLY B 454 -27.27 24.00 -11.64
CA GLY B 454 -28.47 23.40 -12.23
C GLY B 454 -29.37 22.67 -11.25
N PHE B 455 -28.74 22.03 -10.26
CA PHE B 455 -29.44 21.36 -9.16
C PHE B 455 -30.18 22.37 -8.29
N CYS B 456 -29.81 23.65 -8.41
CA CYS B 456 -30.44 24.73 -7.66
C CYS B 456 -31.37 25.56 -8.55
N GLY B 457 -31.34 25.27 -9.85
CA GLY B 457 -32.20 25.93 -10.82
C GLY B 457 -31.76 27.33 -11.15
N LEU B 458 -30.47 27.49 -11.41
CA LEU B 458 -29.85 28.78 -11.79
C LEU B 458 -29.19 28.65 -13.17
N SER B 459 -28.97 29.78 -13.84
CA SER B 459 -28.38 29.82 -15.19
C SER B 459 -27.06 29.05 -15.27
N GLN B 460 -26.77 28.46 -16.43
CA GLN B 460 -25.57 27.64 -16.59
C GLN B 460 -24.61 28.19 -17.66
N PRO B 461 -23.62 29.00 -17.22
CA PRO B 461 -22.71 29.70 -18.14
C PRO B 461 -21.80 28.73 -18.90
N LYS B 462 -21.69 28.94 -20.21
CA LYS B 462 -20.80 28.13 -21.05
C LYS B 462 -19.66 28.99 -21.61
N THR B 463 -19.85 30.31 -21.59
CA THR B 463 -18.98 31.25 -22.28
C THR B 463 -18.39 32.30 -21.35
N LEU B 464 -17.25 32.89 -21.75
CA LEU B 464 -16.58 33.93 -20.95
C LEU B 464 -17.55 35.02 -20.54
N LYS B 465 -18.25 35.57 -21.52
CA LYS B 465 -19.24 36.61 -21.27
C LYS B 465 -20.37 36.10 -20.38
N GLY B 466 -20.72 34.83 -20.53
CA GLY B 466 -21.74 34.19 -19.70
C GLY B 466 -21.37 34.20 -18.23
N LEU B 467 -20.18 33.67 -17.93
CA LEU B 467 -19.66 33.61 -16.56
C LEU B 467 -19.41 35.00 -15.98
N GLN B 468 -19.20 35.97 -16.88
CA GLN B 468 -19.04 37.39 -16.50
C GLN B 468 -20.31 37.96 -15.89
N ALA B 469 -21.45 37.61 -16.47
CA ALA B 469 -22.77 38.05 -16.00
C ALA B 469 -23.12 37.46 -14.63
N VAL B 470 -22.75 36.20 -14.39
CA VAL B 470 -23.03 35.54 -13.11
C VAL B 470 -22.13 36.08 -11.98
N LEU B 471 -20.81 36.13 -12.22
CA LEU B 471 -19.85 36.61 -11.23
C LEU B 471 -19.81 38.15 -11.10
N LYS B 472 -20.45 38.85 -12.03
CA LYS B 472 -20.45 40.33 -12.10
C LYS B 472 -19.06 40.95 -12.03
N ASN B 473 -18.09 40.19 -12.53
CA ASN B 473 -16.69 40.57 -12.51
C ASN B 473 -16.02 40.00 -13.76
N LYS B 474 -15.65 40.89 -14.69
CA LYS B 474 -15.01 40.51 -15.94
C LYS B 474 -13.65 39.82 -15.71
N VAL B 475 -12.92 40.29 -14.71
CA VAL B 475 -11.55 39.85 -14.45
C VAL B 475 -11.51 38.47 -13.78
N LEU B 476 -12.32 38.27 -12.75
CA LEU B 476 -12.33 36.99 -12.03
C LEU B 476 -12.75 35.83 -12.94
N ALA B 477 -13.72 36.10 -13.81
CA ALA B 477 -14.22 35.13 -14.78
C ALA B 477 -13.18 34.75 -15.84
N LYS B 478 -12.25 35.67 -16.11
CA LYS B 478 -11.19 35.45 -17.09
C LYS B 478 -10.08 34.57 -16.53
N LYS B 479 -9.75 34.78 -15.27
CA LYS B 479 -8.71 34.02 -14.58
C LYS B 479 -9.13 32.56 -14.40
N LEU B 480 -10.39 32.38 -13.98
CA LEU B 480 -10.96 31.06 -13.71
C LEU B 480 -11.01 30.20 -14.98
N LEU B 481 -11.42 30.80 -16.09
CA LEU B 481 -11.46 30.12 -17.40
C LEU B 481 -10.09 29.81 -17.97
N ASP B 482 -9.14 30.74 -17.85
CA ASP B 482 -7.78 30.49 -18.31
C ASP B 482 -7.18 29.26 -17.66
N LEU B 483 -7.63 28.97 -16.43
CA LEU B 483 -7.20 27.78 -15.67
C LEU B 483 -8.10 26.56 -15.90
N TYR B 484 -9.39 26.81 -16.09
CA TYR B 484 -10.38 25.75 -16.19
C TYR B 484 -10.86 25.46 -17.62
N LYS B 485 -10.63 26.44 -18.51
CA LYS B 485 -10.97 26.38 -19.96
C LYS B 485 -12.47 26.32 -20.26
N THR B 486 -13.24 25.91 -19.27
CA THR B 486 -14.71 25.90 -19.36
C THR B 486 -15.29 26.09 -17.96
N PRO B 487 -16.48 26.70 -17.86
CA PRO B 487 -17.14 26.82 -16.56
C PRO B 487 -17.64 25.48 -15.99
N ASP B 488 -17.83 24.48 -16.87
CA ASP B 488 -18.26 23.13 -16.46
C ASP B 488 -17.25 22.42 -15.56
N ASN B 489 -16.01 22.90 -15.52
CA ASN B 489 -14.94 22.23 -14.79
C ASN B 489 -14.52 22.85 -13.47
N ILE B 490 -15.07 24.02 -13.12
CA ILE B 490 -14.72 24.71 -11.88
C ILE B 490 -15.26 23.98 -10.63
N ASP B 491 -14.34 23.75 -9.67
CA ASP B 491 -14.64 23.09 -8.40
C ASP B 491 -15.57 23.98 -7.60
N ILE B 492 -16.60 23.40 -6.95
CA ILE B 492 -17.63 24.23 -6.32
C ILE B 492 -17.04 25.26 -5.38
N TRP B 493 -16.15 24.81 -4.50
CA TRP B 493 -15.63 25.65 -3.44
C TRP B 493 -15.30 27.06 -3.92
N ILE B 494 -14.53 27.17 -4.99
CA ILE B 494 -14.23 28.47 -5.62
C ILE B 494 -15.33 28.97 -6.54
N GLY B 495 -16.05 28.05 -7.18
CA GLY B 495 -17.12 28.41 -8.12
C GLY B 495 -18.27 29.09 -7.42
N GLY B 496 -18.64 28.54 -6.26
CA GLY B 496 -19.72 29.10 -5.47
C GLY B 496 -19.25 30.31 -4.69
N ASN B 497 -18.06 30.21 -4.12
CA ASN B 497 -17.51 31.27 -3.27
C ASN B 497 -17.09 32.53 -4.01
N ALA B 498 -16.90 32.42 -5.34
CA ALA B 498 -16.51 33.56 -6.17
C ALA B 498 -17.69 34.44 -6.58
N GLU B 499 -18.91 33.91 -6.47
CA GLU B 499 -20.15 34.66 -6.78
C GLU B 499 -20.31 35.88 -5.85
N PRO B 500 -21.01 36.93 -6.34
CA PRO B 500 -21.28 38.09 -5.47
C PRO B 500 -22.37 37.74 -4.48
N MET B 501 -22.31 38.33 -3.28
CA MET B 501 -23.19 37.97 -2.16
C MET B 501 -24.64 38.38 -2.38
N VAL B 502 -25.55 37.52 -1.96
CA VAL B 502 -26.97 37.85 -1.98
C VAL B 502 -27.21 39.05 -1.08
N GLU B 503 -28.46 39.56 -1.11
CA GLU B 503 -28.83 40.73 -0.33
C GLU B 503 -29.04 40.32 1.13
N ARG B 504 -28.18 40.86 2.00
CA ARG B 504 -28.24 40.69 3.45
C ARG B 504 -27.53 39.44 3.96
N GLY B 505 -27.05 38.62 3.02
CA GLY B 505 -26.35 37.40 3.34
C GLY B 505 -24.84 37.53 3.25
N ARG B 506 -24.17 36.37 3.33
CA ARG B 506 -22.72 36.27 3.24
C ARG B 506 -22.31 35.12 2.33
N VAL B 507 -23.30 34.61 1.59
CA VAL B 507 -23.08 33.62 0.54
C VAL B 507 -23.86 34.05 -0.70
N GLY B 508 -23.73 33.31 -1.79
CA GLY B 508 -24.34 33.70 -3.05
C GLY B 508 -25.45 32.78 -3.51
N PRO B 509 -26.14 33.17 -4.61
CA PRO B 509 -27.28 32.46 -5.20
C PRO B 509 -27.19 30.94 -5.06
N LEU B 510 -26.09 30.35 -5.55
CA LEU B 510 -25.89 28.91 -5.52
C LEU B 510 -25.54 28.39 -4.13
N LEU B 511 -24.77 29.17 -3.38
CA LEU B 511 -24.30 28.75 -2.07
C LEU B 511 -25.39 28.85 -0.99
N ALA B 512 -26.23 29.88 -1.11
CA ALA B 512 -27.40 30.04 -0.23
C ALA B 512 -28.43 28.93 -0.47
N CYS B 513 -28.39 28.35 -1.66
CA CYS B 513 -29.27 27.24 -2.00
C CYS B 513 -28.87 25.99 -1.25
N LEU B 514 -27.66 25.49 -1.51
CA LEU B 514 -27.12 24.28 -0.87
C LEU B 514 -27.14 24.34 0.66
N LEU B 515 -26.91 25.55 1.21
CA LEU B 515 -26.94 25.77 2.65
C LEU B 515 -28.36 25.70 3.22
N GLY B 516 -29.24 26.59 2.76
CA GLY B 516 -30.62 26.63 3.23
C GLY B 516 -31.40 25.36 2.96
N ARG B 517 -31.06 24.70 1.86
CA ARG B 517 -31.69 23.47 1.44
C ARG B 517 -31.28 22.30 2.33
N GLN B 518 -30.24 22.53 3.14
CA GLN B 518 -29.76 21.52 4.10
C GLN B 518 -30.24 21.78 5.52
N PHE B 519 -30.05 23.01 6.00
CA PHE B 519 -30.45 23.42 7.37
C PHE B 519 -31.95 23.21 7.64
N GLN B 520 -32.72 23.21 6.55
CA GLN B 520 -34.14 22.90 6.60
C GLN B 520 -34.34 21.41 6.90
N GLN B 521 -33.63 20.55 6.16
CA GLN B 521 -33.77 19.11 6.33
C GLN B 521 -33.44 18.63 7.74
N ILE B 522 -32.37 19.16 8.34
CA ILE B 522 -31.94 18.77 9.70
C ILE B 522 -32.96 19.22 10.74
N ARG B 523 -33.74 20.24 10.38
CA ARG B 523 -34.82 20.76 11.20
C ARG B 523 -36.14 20.03 10.92
N ASP B 524 -36.52 19.93 9.65
CA ASP B 524 -37.74 19.23 9.28
C ASP B 524 -37.66 17.72 9.46
N GLY B 525 -36.46 17.19 9.66
CA GLY B 525 -36.30 15.74 9.85
C GLY B 525 -35.76 15.32 11.21
N ASP B 526 -35.92 16.18 12.21
CA ASP B 526 -35.32 15.94 13.53
C ASP B 526 -36.38 15.76 14.59
N ARG B 527 -36.63 14.50 14.95
CA ARG B 527 -37.67 14.16 15.92
C ARG B 527 -37.51 14.89 17.25
N PHE B 528 -36.30 15.36 17.53
CA PHE B 528 -36.01 16.03 18.80
C PHE B 528 -35.78 17.54 18.69
N TRP B 529 -36.11 18.12 17.54
CA TRP B 529 -36.07 19.58 17.37
C TRP B 529 -36.95 20.24 18.43
N TRP B 530 -36.39 21.26 19.09
CA TRP B 530 -37.04 21.88 20.26
C TRP B 530 -38.49 22.30 20.02
N GLU B 531 -38.73 22.94 18.87
CA GLU B 531 -40.06 23.43 18.49
C GLU B 531 -41.07 22.34 18.18
N ASN B 532 -40.60 21.11 18.00
CA ASN B 532 -41.51 19.98 17.90
C ASN B 532 -42.19 19.80 19.25
N PRO B 533 -43.52 19.64 19.24
CA PRO B 533 -44.25 19.38 20.48
C PRO B 533 -43.82 18.05 21.10
N GLY B 534 -43.85 17.97 22.43
CA GLY B 534 -43.50 16.75 23.15
C GLY B 534 -42.07 16.77 23.65
N VAL B 535 -41.19 17.38 22.86
CA VAL B 535 -39.75 17.49 23.17
C VAL B 535 -39.51 18.30 24.45
N PHE B 536 -39.95 19.57 24.44
CA PHE B 536 -40.01 20.36 25.68
C PHE B 536 -41.44 20.80 25.90
N THR B 537 -41.83 20.97 27.16
CA THR B 537 -43.16 21.47 27.52
C THR B 537 -43.30 22.93 27.09
N GLU B 538 -44.53 23.37 26.81
CA GLU B 538 -44.78 24.76 26.40
C GLU B 538 -44.18 25.76 27.39
N LYS B 539 -44.16 25.39 28.66
CA LYS B 539 -43.52 26.18 29.72
C LYS B 539 -42.03 26.31 29.49
N GLN B 540 -41.38 25.18 29.17
CA GLN B 540 -39.94 25.13 28.91
C GLN B 540 -39.51 25.93 27.69
N ARG B 541 -40.37 25.94 26.65
CA ARG B 541 -40.07 26.62 25.39
C ARG B 541 -39.99 28.14 25.51
N ASP B 542 -40.95 28.73 26.22
CA ASP B 542 -40.98 30.18 26.44
C ASP B 542 -39.85 30.69 27.35
N SER B 543 -39.00 29.77 27.80
CA SER B 543 -37.79 30.12 28.53
C SER B 543 -36.59 30.05 27.60
N LEU B 544 -36.61 29.05 26.72
CA LEU B 544 -35.53 28.80 25.77
C LEU B 544 -35.48 29.86 24.67
N GLN B 545 -36.58 30.57 24.47
CA GLN B 545 -36.63 31.68 23.51
C GLN B 545 -35.75 32.83 23.96
N LYS B 546 -35.49 32.92 25.26
CA LYS B 546 -34.78 34.07 25.84
C LYS B 546 -33.26 33.93 25.85
N VAL B 547 -32.76 32.71 25.78
CA VAL B 547 -31.30 32.49 25.79
C VAL B 547 -30.62 33.19 24.62
N SER B 548 -29.34 33.53 24.83
CA SER B 548 -28.52 34.21 23.84
C SER B 548 -27.05 33.95 24.14
N PHE B 549 -26.18 34.08 23.14
CA PHE B 549 -24.74 33.93 23.36
C PHE B 549 -24.23 34.98 24.35
N SER B 550 -24.85 36.16 24.32
CA SER B 550 -24.60 37.20 25.32
C SER B 550 -24.68 36.61 26.73
N ARG B 551 -25.75 35.86 26.98
CA ARG B 551 -25.97 35.22 28.29
C ARG B 551 -24.94 34.15 28.60
N LEU B 552 -24.72 33.26 27.64
CA LEU B 552 -23.72 32.20 27.79
C LEU B 552 -22.42 32.72 28.42
N ILE B 553 -21.96 33.87 27.95
CA ILE B 553 -20.68 34.42 28.38
C ILE B 553 -20.79 35.35 29.59
N CYS B 554 -21.96 35.35 30.23
CA CYS B 554 -22.13 36.04 31.51
C CYS B 554 -22.21 35.00 32.63
N ASP B 555 -22.95 33.93 32.37
CA ASP B 555 -23.10 32.86 33.33
C ASP B 555 -21.84 31.99 33.40
N ASN B 556 -20.87 32.21 32.51
CA ASN B 556 -19.73 31.30 32.38
C ASN B 556 -18.34 31.93 32.22
N THR B 557 -18.26 33.26 32.25
CA THR B 557 -16.96 33.94 32.21
C THR B 557 -16.92 35.01 33.31
N HIS B 558 -15.94 35.91 33.24
CA HIS B 558 -15.90 37.04 34.16
C HIS B 558 -16.04 38.39 33.48
N ILE B 559 -16.70 38.39 32.33
CA ILE B 559 -17.04 39.64 31.65
C ILE B 559 -18.36 40.15 32.19
N THR B 560 -18.44 41.46 32.38
CA THR B 560 -19.64 42.11 32.88
C THR B 560 -20.08 43.23 31.93
N LYS B 561 -19.65 43.09 30.68
CA LYS B 561 -20.03 43.98 29.59
C LYS B 561 -20.17 43.14 28.32
N VAL B 562 -21.36 43.21 27.72
CA VAL B 562 -21.66 42.45 26.52
C VAL B 562 -22.67 43.19 25.67
N PRO B 563 -22.59 43.03 24.34
CA PRO B 563 -23.67 43.56 23.52
C PRO B 563 -24.86 42.61 23.54
N LEU B 564 -26.03 43.11 23.11
CA LEU B 564 -27.24 42.30 23.07
C LEU B 564 -27.26 41.38 21.86
N HIS B 565 -26.99 41.95 20.69
CA HIS B 565 -26.87 41.18 19.46
C HIS B 565 -25.39 40.94 19.19
N ALA B 566 -24.89 39.78 19.59
CA ALA B 566 -23.45 39.48 19.59
C ALA B 566 -22.91 39.00 18.24
N PHE B 567 -23.73 39.04 17.20
CA PHE B 567 -23.33 38.55 15.87
C PHE B 567 -23.04 39.67 14.88
N GLN B 568 -23.56 40.86 15.17
CA GLN B 568 -23.29 42.03 14.33
C GLN B 568 -22.13 42.80 14.95
N ALA B 569 -21.51 43.68 14.16
CA ALA B 569 -20.38 44.48 14.64
C ALA B 569 -20.79 45.37 15.80
N ASN B 570 -20.03 45.27 16.89
CA ASN B 570 -20.31 46.03 18.09
C ASN B 570 -19.18 47.01 18.33
N ASN B 571 -19.49 48.09 19.05
CA ASN B 571 -18.60 49.22 19.11
C ASN B 571 -18.40 49.69 20.55
N TYR B 572 -17.37 49.17 21.21
CA TYR B 572 -17.08 49.54 22.60
C TYR B 572 -16.71 51.03 22.70
N PRO B 573 -17.25 51.75 23.69
CA PRO B 573 -18.06 51.28 24.82
C PRO B 573 -19.58 51.22 24.63
N HIS B 574 -20.14 52.01 23.70
CA HIS B 574 -21.60 52.21 23.65
C HIS B 574 -22.45 50.95 23.53
N ASP B 575 -22.15 50.10 22.55
CA ASP B 575 -22.93 48.92 22.26
C ASP B 575 -22.94 47.91 23.42
N PHE B 576 -22.06 48.12 24.39
CA PHE B 576 -21.89 47.21 25.51
C PHE B 576 -22.70 47.63 26.73
N VAL B 577 -23.35 46.66 27.35
CA VAL B 577 -24.17 46.86 28.55
C VAL B 577 -23.85 45.80 29.59
N ASP B 578 -24.15 46.09 30.86
CA ASP B 578 -23.88 45.15 31.95
C ASP B 578 -24.70 43.87 31.79
N CYS B 579 -24.12 42.74 32.20
CA CYS B 579 -24.78 41.44 32.07
C CYS B 579 -26.15 41.40 32.75
N SER B 580 -26.38 42.31 33.71
CA SER B 580 -27.66 42.43 34.40
C SER B 580 -28.79 42.83 33.44
N ALA B 581 -28.44 43.61 32.42
CA ALA B 581 -29.40 44.11 31.45
C ALA B 581 -29.91 43.05 30.47
N VAL B 582 -29.24 41.89 30.41
CA VAL B 582 -29.64 40.83 29.48
C VAL B 582 -30.41 39.70 30.18
N ASP B 583 -31.35 39.10 29.45
CA ASP B 583 -32.22 38.06 30.00
C ASP B 583 -31.50 36.78 30.41
N LYS B 584 -31.90 36.24 31.56
CA LYS B 584 -31.38 34.98 32.08
C LYS B 584 -32.24 33.80 31.64
N LEU B 585 -31.64 32.61 31.63
CA LEU B 585 -32.40 31.38 31.39
C LEU B 585 -33.09 30.99 32.68
N ASP B 586 -34.42 31.00 32.66
CA ASP B 586 -35.21 30.58 33.81
C ASP B 586 -35.41 29.06 33.79
N LEU B 587 -34.77 28.38 34.73
CA LEU B 587 -34.79 26.91 34.74
C LEU B 587 -35.89 26.30 35.61
N SER B 588 -36.80 27.13 36.13
CA SER B 588 -37.87 26.66 37.00
C SER B 588 -38.89 25.70 36.35
N PRO B 589 -39.23 25.90 35.06
CA PRO B 589 -40.18 24.96 34.41
C PRO B 589 -39.66 23.53 34.26
N TRP B 590 -38.39 23.31 34.63
CA TRP B 590 -37.81 21.97 34.67
C TRP B 590 -37.96 21.34 36.06
N ALA B 591 -38.46 22.13 37.02
CA ALA B 591 -38.70 21.66 38.39
C ALA B 591 -39.86 20.66 38.44
N SER B 592 -39.66 19.57 39.17
CA SER B 592 -40.54 18.41 39.11
C SER B 592 -40.51 17.63 40.43
N ARG B 593 -41.57 17.77 41.23
CA ARG B 593 -41.70 16.99 42.47
C ARG B 593 -42.79 15.90 42.39
N GLU B 594 -42.88 15.09 43.44
CA GLU B 594 -43.52 13.76 43.40
C GLU B 594 -45.06 13.73 43.28
N ASN B 595 -45.75 14.29 44.27
CA ASN B 595 -47.21 14.18 44.36
C ASN B 595 -47.94 15.18 43.47
#